data_9V6O
#
_entry.id   9V6O
#
_cell.length_a   1.00
_cell.length_b   1.00
_cell.length_c   1.00
_cell.angle_alpha   90.00
_cell.angle_beta   90.00
_cell.angle_gamma   90.00
#
_symmetry.space_group_name_H-M   'P 1'
#
loop_
_entity.id
_entity.type
_entity.pdbx_description
1 polymer 'Guanine nucleotide-binding protein G(i) subunit alpha-1'
2 polymer 'Guanine nucleotide-binding protein G(I)/G(S)/G(T) subunit beta-1'
3 polymer 'Guanine nucleotide-binding protein G(I)/G(S)/G(O) subunit gamma-2'
4 polymer 'Kappa-type opioid receptor'
5 polymer scFv16
6 non-polymer nalfurafine
#
loop_
_entity_poly.entity_id
_entity_poly.type
_entity_poly.pdbx_seq_one_letter_code
_entity_poly.pdbx_strand_id
1 'polypeptide(L)'
;MGCTLSAEDKAAVERSKMIDRNLREDGEKAAREVKLLLLGAGESGKSTIVKQMKIIHEAGYSEEECKQYKAVVYSNTIQS
IIAIIRAMGRLKIDFGDSARADDARQLFVLAGAAEEGFMTAELAGVIKRLWKDSGVQACFNRSREYQLNDSAAYYLNDLD
RIAQPNYIPTQQDVLRTRVKTTGIVETHFTFKDLHFKMFDVGGQRSERKKWIHCFEGVTAIIFCVALSDYDLVLAEDEEM
NRMHESMKLFDSICNNKWFTDTSIILFLNKKDLFEEKIKKSPLTICYPEYAGSNTYEEAAAYIQCQFEDLNKRKDTKEIY
THFTCATDTKNVQFVFDAVTDVIIKNNLKDCGLF
;
A
2 'polypeptide(L)'
;GPGSSGSELDQLRQEAEQLKNQIRDARKACADATLSQITNNIDPVGRIQMRTRRTLRGHLAKIYAMHWGTDSRLLVSASQ
DGKLIIWDSYTTNKVHAIPLRSSWVMTCAYAPSGNYVACGGLDNICSIYNLKTREGNVRVSRELAGHTGYLSCCRFLDDN
QIVTSSGDTTCALWDIETGQQTTTFTGHTGDVMSLSLAPDTRLFVSGACDASAKLWDVREGMCRQTFTGHESDINAICFF
PNGNAFATGSDDATCRLFDLRADQELMTYSHDNIICGITSVSFSKSGRLLLAGYDDFNCNVWDALKADRAGVLAGHDNRV
SCLGVTDDGMAVATGSWDSFLKIWN
;
B
3 'polypeptide(L)' MASNNTASIAQARKLVEQLKMEANIDRIKVSKAAADLMAYCEAHAKEDPLLTPVPASENPFREKKFFCAIL G
4 'polypeptide(L)'
;GPGSTSISPAIPVIITAVYSVVFVVGLVGNSLVMFVIIRYTKMKTATNIYIFNLALADALVTTTMPFQSTVYLMNSWPFG
DVLCKIVLSIDYYNMFTSIFTLTMMSVDRYIAVCHPVKALDFRTPLKAKIINICIWLLSSSVGISAIVLGGTKVREDVDV
IECSLQFPDDDYSWWDLFMKICVFIFAFVIPVLIIIVCYTLMILRLKSVRLLSGSREKDRNLRRITRLVLVVVAVFVVCW
TPIHIFILVEALGSTSHSTAALSSYYFCIALGYTNSSLNPILYAFLDENFKRCFRDFCFPLKMRMERQSTSRVRNTVQDP
AYLRDIDGMNKPVEFLEVLFQ
;
R
5 'polypeptide(L)'
;DVQLVESGGGLVQPGGSRKLSCSASGFAFSSFGMHWVRQAPEKGLEWVAYISSGSGTIYYADTVKGRFTISRDDPKNTLF
LQMTSLRSEDTAMYYCVRSIYYYGSSPFDFWGQGTTLTVSSGGGGSGGGGSGGGGSDIVMTQATSSVPVTPGESVSISCR
SSKSLLHSNGNTYLYWFLQRPGQSPQLLIYRMSNLASGVPDRFSGSGSGTAFTLTISRLEAEDVGVYYCMQHLEYPLTFG
AGTKLELKGENLYFQ
;
S
#
# COMPACT_ATOMS: atom_id res chain seq x y z
N LEU A 5 3.05 8.01 -25.40
CA LEU A 5 3.42 6.69 -24.89
C LEU A 5 3.83 5.77 -26.03
N SER A 6 5.05 5.22 -25.93
CA SER A 6 5.53 4.27 -26.91
C SER A 6 4.93 2.89 -26.65
N ALA A 7 5.26 1.93 -27.51
CA ALA A 7 4.76 0.57 -27.33
C ALA A 7 5.27 -0.03 -26.02
N GLU A 8 6.56 0.18 -25.73
CA GLU A 8 7.13 -0.33 -24.48
C GLU A 8 6.52 0.36 -23.28
N ASP A 9 6.27 1.67 -23.37
CA ASP A 9 5.61 2.37 -22.28
C ASP A 9 4.20 1.82 -22.04
N LYS A 10 3.45 1.57 -23.11
CA LYS A 10 2.11 1.01 -22.97
C LYS A 10 2.16 -0.38 -22.34
N ALA A 11 3.14 -1.20 -22.75
CA ALA A 11 3.26 -2.52 -22.15
C ALA A 11 3.65 -2.45 -20.68
N ALA A 12 4.49 -1.49 -20.31
CA ALA A 12 4.82 -1.28 -18.90
C ALA A 12 3.59 -0.85 -18.11
N VAL A 13 2.77 0.02 -18.68
CA VAL A 13 1.55 0.44 -18.00
C VAL A 13 0.61 -0.75 -17.84
N GLU A 14 0.53 -1.61 -18.85
CA GLU A 14 -0.31 -2.80 -18.73
C GLU A 14 0.18 -3.74 -17.63
N ARG A 15 1.50 -3.92 -17.54
CA ARG A 15 2.08 -4.73 -16.47
C ARG A 15 1.75 -4.13 -15.11
N SER A 16 1.84 -2.81 -14.99
CA SER A 16 1.49 -2.16 -13.74
C SER A 16 0.03 -2.36 -13.39
N LYS A 17 -0.85 -2.32 -14.39
CA LYS A 17 -2.27 -2.58 -14.15
C LYS A 17 -2.49 -4.01 -13.65
N MET A 18 -1.78 -4.97 -14.22
CA MET A 18 -1.88 -6.35 -13.74
C MET A 18 -1.39 -6.46 -12.29
N ILE A 19 -0.30 -5.76 -11.97
CA ILE A 19 0.20 -5.74 -10.59
C ILE A 19 -0.85 -5.15 -9.66
N ASP A 20 -1.51 -4.06 -10.09
CA ASP A 20 -2.56 -3.44 -9.28
C ASP A 20 -3.71 -4.40 -9.05
N ARG A 21 -4.11 -5.14 -10.08
CA ARG A 21 -5.19 -6.11 -9.92
C ARG A 21 -4.81 -7.19 -8.90
N ASN A 22 -3.57 -7.69 -8.98
CA ASN A 22 -3.12 -8.69 -8.02
C ASN A 22 -3.10 -8.13 -6.61
N LEU A 23 -2.65 -6.88 -6.44
CA LEU A 23 -2.64 -6.27 -5.12
C LEU A 23 -4.04 -6.10 -4.57
N ARG A 24 -4.99 -5.69 -5.42
CA ARG A 24 -6.38 -5.56 -4.97
C ARG A 24 -6.95 -6.90 -4.55
N GLU A 25 -6.68 -7.95 -5.31
CA GLU A 25 -7.14 -9.28 -4.94
C GLU A 25 -6.55 -9.72 -3.60
N ASP A 26 -5.25 -9.47 -3.41
CA ASP A 26 -4.61 -9.83 -2.15
C ASP A 26 -5.19 -9.07 -0.98
N GLY A 27 -5.48 -7.78 -1.15
CA GLY A 27 -6.08 -7.00 -0.10
C GLY A 27 -7.49 -7.47 0.24
N GLU A 28 -8.28 -7.80 -0.78
CA GLU A 28 -9.61 -8.35 -0.54
C GLU A 28 -9.52 -9.67 0.22
N LYS A 29 -8.56 -10.53 -0.13
CA LYS A 29 -8.40 -11.79 0.59
C LYS A 29 -7.95 -11.57 2.03
N ALA A 30 -7.08 -10.58 2.26
CA ALA A 30 -6.57 -10.33 3.59
C ALA A 30 -7.61 -9.67 4.50
N ALA A 31 -8.53 -8.90 3.92
CA ALA A 31 -9.58 -8.27 4.72
C ALA A 31 -10.59 -9.27 5.25
N ARG A 32 -10.58 -10.50 4.78
CA ARG A 32 -11.52 -11.54 5.21
C ARG A 32 -11.02 -12.32 6.42
N GLU A 33 -9.84 -12.00 6.94
CA GLU A 33 -9.21 -12.78 8.00
C GLU A 33 -9.22 -11.99 9.31
N VAL A 34 -9.41 -12.70 10.41
CA VAL A 34 -9.46 -12.11 11.74
C VAL A 34 -8.08 -12.26 12.37
N LYS A 35 -7.51 -11.13 12.82
CA LYS A 35 -6.19 -11.12 13.42
C LYS A 35 -6.32 -10.99 14.93
N LEU A 36 -5.61 -11.86 15.66
CA LEU A 36 -5.64 -11.86 17.12
C LEU A 36 -4.20 -11.78 17.64
N LEU A 37 -4.00 -10.96 18.65
CA LEU A 37 -2.71 -10.83 19.31
C LEU A 37 -2.74 -11.62 20.61
N LEU A 38 -1.85 -12.60 20.73
CA LEU A 38 -1.79 -13.47 21.89
C LEU A 38 -0.75 -12.93 22.86
N LEU A 39 -1.16 -12.68 24.10
CA LEU A 39 -0.29 -12.11 25.12
C LEU A 39 -0.42 -12.91 26.41
N GLY A 40 0.43 -12.57 27.37
CA GLY A 40 0.47 -13.26 28.65
C GLY A 40 1.90 -13.61 29.05
N ALA A 41 2.01 -14.08 30.29
CA ALA A 41 3.30 -14.47 30.82
C ALA A 41 3.76 -15.79 30.22
N GLY A 42 5.05 -16.10 30.43
CA GLY A 42 5.60 -17.32 29.87
C GLY A 42 4.96 -18.58 30.44
N GLU A 43 4.78 -18.61 31.76
CA GLU A 43 4.16 -19.75 32.43
C GLU A 43 2.66 -19.60 32.59
N SER A 44 2.08 -18.52 32.06
CA SER A 44 0.63 -18.33 32.16
C SER A 44 -0.12 -19.39 31.37
N GLY A 45 0.47 -19.90 30.30
CA GLY A 45 -0.15 -20.93 29.49
C GLY A 45 -0.75 -20.38 28.22
N LYS A 46 0.01 -20.48 27.13
CA LYS A 46 -0.46 -20.05 25.82
C LYS A 46 -0.28 -21.19 24.82
N SER A 47 0.70 -22.06 25.10
CA SER A 47 0.87 -23.25 24.27
C SER A 47 -0.35 -24.14 24.33
N THR A 48 -0.93 -24.31 25.52
CA THR A 48 -2.19 -25.03 25.64
C THR A 48 -3.31 -24.28 24.93
N ILE A 49 -3.34 -22.95 25.07
CA ILE A 49 -4.33 -22.15 24.36
C ILE A 49 -4.13 -22.28 22.85
N VAL A 50 -2.87 -22.23 22.40
CA VAL A 50 -2.59 -22.39 20.98
C VAL A 50 -3.02 -23.77 20.50
N LYS A 51 -2.71 -24.80 21.29
CA LYS A 51 -3.08 -26.16 20.92
C LYS A 51 -4.60 -26.32 20.88
N GLN A 52 -5.30 -25.77 21.86
CA GLN A 52 -6.76 -25.86 21.89
C GLN A 52 -7.41 -24.99 20.82
N MET A 53 -6.71 -23.99 20.31
CA MET A 53 -7.26 -23.06 19.33
C MET A 53 -6.88 -23.43 17.91
N LYS A 54 -6.80 -24.72 17.62
CA LYS A 54 -6.44 -25.18 16.28
C LYS A 54 -7.37 -26.29 15.81
N THR A 182 12.45 -18.00 17.85
CA THR A 182 12.79 -16.60 17.64
C THR A 182 11.70 -15.88 16.85
N GLY A 183 11.73 -14.55 16.87
CA GLY A 183 10.74 -13.78 16.15
C GLY A 183 9.36 -13.90 16.78
N ILE A 184 8.34 -13.71 15.96
CA ILE A 184 6.96 -13.94 16.38
C ILE A 184 6.41 -15.12 15.61
N VAL A 185 5.43 -15.80 16.21
CA VAL A 185 4.87 -17.03 15.69
C VAL A 185 3.45 -16.76 15.24
N GLU A 186 3.13 -17.16 14.01
CA GLU A 186 1.81 -16.98 13.43
C GLU A 186 1.08 -18.33 13.41
N THR A 187 -0.15 -18.33 13.92
CA THR A 187 -0.99 -19.53 13.94
C THR A 187 -2.22 -19.27 13.11
N HIS A 188 -2.57 -20.23 12.24
CA HIS A 188 -3.74 -20.14 11.38
C HIS A 188 -4.73 -21.22 11.76
N PHE A 189 -5.99 -20.83 11.91
CA PHE A 189 -7.06 -21.80 12.13
C PHE A 189 -8.37 -21.20 11.61
N THR A 190 -9.29 -22.08 11.27
CA THR A 190 -10.59 -21.70 10.73
C THR A 190 -11.70 -22.28 11.60
N PHE A 191 -12.71 -21.46 11.88
CA PHE A 191 -13.85 -21.89 12.69
C PHE A 191 -15.10 -21.22 12.14
N LYS A 192 -16.04 -22.04 11.65
CA LYS A 192 -17.33 -21.56 11.14
C LYS A 192 -17.14 -20.54 10.02
N ASP A 193 -16.38 -20.94 8.99
CA ASP A 193 -16.13 -20.13 7.80
C ASP A 193 -15.44 -18.82 8.11
N LEU A 194 -14.81 -18.70 9.28
CA LEU A 194 -14.06 -17.52 9.67
C LEU A 194 -12.60 -17.89 9.81
N HIS A 195 -11.73 -17.14 9.13
CA HIS A 195 -10.29 -17.41 9.14
C HIS A 195 -9.62 -16.54 10.18
N PHE A 196 -8.79 -17.15 11.02
CA PHE A 196 -8.16 -16.49 12.15
C PHE A 196 -6.64 -16.51 12.01
N LYS A 197 -6.01 -15.40 12.35
CA LYS A 197 -4.56 -15.29 12.42
C LYS A 197 -4.17 -14.88 13.83
N MET A 198 -3.42 -15.74 14.51
CA MET A 198 -2.99 -15.49 15.88
C MET A 198 -1.49 -15.28 15.91
N PHE A 199 -1.04 -14.18 16.51
CA PHE A 199 0.36 -13.79 16.53
C PHE A 199 0.88 -13.89 17.96
N ASP A 200 1.81 -14.81 18.19
CA ASP A 200 2.44 -14.98 19.49
C ASP A 200 3.75 -14.18 19.49
N VAL A 201 3.80 -13.14 20.32
CA VAL A 201 4.95 -12.26 20.39
C VAL A 201 5.75 -12.49 21.68
N GLY A 202 5.64 -13.68 22.26
CA GLY A 202 6.35 -13.96 23.50
C GLY A 202 7.83 -14.19 23.33
N GLY A 203 8.29 -14.42 22.10
CA GLY A 203 9.69 -14.59 21.83
C GLY A 203 10.45 -13.31 21.54
N GLN A 204 9.78 -12.16 21.53
CA GLN A 204 10.42 -10.89 21.23
C GLN A 204 10.96 -10.30 22.53
N ARG A 205 12.20 -10.65 22.85
CA ARG A 205 12.88 -10.14 24.05
C ARG A 205 13.50 -8.79 23.73
N SER A 206 12.63 -7.82 23.49
CA SER A 206 13.03 -6.45 23.19
C SER A 206 12.10 -5.52 23.97
N GLU A 207 12.17 -4.23 23.68
CA GLU A 207 11.33 -3.24 24.36
C GLU A 207 10.04 -3.10 23.56
N ARG A 208 8.93 -3.54 24.17
CA ARG A 208 7.68 -3.70 23.44
C ARG A 208 7.10 -2.39 22.91
N LYS A 209 7.48 -1.26 23.51
CA LYS A 209 6.93 0.01 23.06
C LYS A 209 7.36 0.39 21.65
N LYS A 210 8.36 -0.30 21.09
CA LYS A 210 8.83 0.02 19.74
C LYS A 210 8.13 -0.75 18.65
N TRP A 211 7.53 -1.90 18.97
CA TRP A 211 6.87 -2.73 17.96
C TRP A 211 5.43 -3.06 18.29
N ILE A 212 4.88 -2.50 19.37
CA ILE A 212 3.51 -2.82 19.73
C ILE A 212 2.50 -2.14 18.81
N HIS A 213 2.89 -1.06 18.14
CA HIS A 213 1.99 -0.40 17.22
C HIS A 213 1.82 -1.16 15.91
N CYS A 214 2.64 -2.18 15.67
CA CYS A 214 2.46 -3.04 14.51
C CYS A 214 1.16 -3.83 14.58
N PHE A 215 0.58 -3.97 15.77
CA PHE A 215 -0.66 -4.69 15.97
C PHE A 215 -1.80 -3.75 16.35
N GLU A 216 -1.69 -2.46 16.03
CA GLU A 216 -2.70 -1.50 16.43
C GLU A 216 -4.05 -1.82 15.80
N GLY A 217 -4.06 -2.17 14.52
CA GLY A 217 -5.28 -2.62 13.90
C GLY A 217 -5.43 -4.12 14.02
N VAL A 218 -6.16 -4.57 15.03
CA VAL A 218 -6.29 -5.99 15.32
C VAL A 218 -7.70 -6.21 15.87
N THR A 219 -8.28 -7.36 15.55
CA THR A 219 -9.67 -7.62 15.93
C THR A 219 -9.81 -7.72 17.44
N ALA A 220 -8.95 -8.51 18.08
CA ALA A 220 -9.05 -8.70 19.52
C ALA A 220 -7.70 -9.12 20.05
N ILE A 221 -7.54 -9.02 21.37
CA ILE A 221 -6.36 -9.46 22.08
C ILE A 221 -6.74 -10.63 22.97
N ILE A 222 -6.03 -11.74 22.84
CA ILE A 222 -6.23 -12.89 23.70
C ILE A 222 -5.17 -12.85 24.79
N PHE A 223 -5.58 -12.53 26.01
CA PHE A 223 -4.68 -12.45 27.14
C PHE A 223 -4.85 -13.69 28.00
N CYS A 224 -3.74 -14.38 28.26
CA CYS A 224 -3.76 -15.62 29.03
C CYS A 224 -3.12 -15.39 30.39
N VAL A 225 -3.86 -15.72 31.44
CA VAL A 225 -3.39 -15.58 32.82
C VAL A 225 -3.62 -16.89 33.53
N ALA A 226 -2.58 -17.41 34.17
CA ALA A 226 -2.70 -18.61 35.00
C ALA A 226 -3.14 -18.19 36.40
N LEU A 227 -4.38 -18.48 36.74
CA LEU A 227 -4.90 -18.05 38.04
C LEU A 227 -4.49 -18.98 39.17
N SER A 228 -3.72 -20.02 38.87
CA SER A 228 -3.23 -20.96 39.88
C SER A 228 -1.90 -20.54 40.48
N ASP A 229 -1.30 -19.44 40.03
CA ASP A 229 -0.01 -18.99 40.54
C ASP A 229 -0.13 -17.75 41.43
N TYR A 230 -1.25 -17.63 42.14
CA TYR A 230 -1.42 -16.51 43.06
C TYR A 230 -0.42 -16.59 44.22
N ASP A 231 -0.12 -17.80 44.68
CA ASP A 231 0.86 -17.99 45.74
C ASP A 231 2.27 -18.25 45.23
N LEU A 232 2.44 -18.37 43.91
CA LEU A 232 3.76 -18.63 43.36
C LEU A 232 4.63 -17.38 43.40
N VAL A 233 5.95 -17.60 43.37
CA VAL A 233 6.93 -16.53 43.36
C VAL A 233 7.80 -16.69 42.12
N LEU A 234 7.95 -15.62 41.36
CA LEU A 234 8.75 -15.65 40.14
C LEU A 234 10.24 -15.70 40.46
N MET A 240 8.34 -10.41 44.57
CA MET A 240 7.11 -10.09 43.86
C MET A 240 6.25 -11.33 43.67
N ASN A 241 5.03 -11.12 43.17
CA ASN A 241 4.07 -12.21 42.94
C ASN A 241 3.79 -12.33 41.46
N ARG A 242 3.62 -13.58 41.01
CA ARG A 242 3.32 -13.82 39.60
C ARG A 242 1.96 -13.25 39.20
N MET A 243 0.96 -13.39 40.08
CA MET A 243 -0.36 -12.85 39.78
C MET A 243 -0.31 -11.33 39.64
N HIS A 244 0.45 -10.66 40.52
CA HIS A 244 0.56 -9.22 40.41
C HIS A 244 1.32 -8.80 39.16
N GLU A 245 2.32 -9.58 38.75
CA GLU A 245 3.00 -9.30 37.49
C GLU A 245 2.05 -9.43 36.31
N SER A 246 1.20 -10.47 36.32
CA SER A 246 0.20 -10.61 35.26
C SER A 246 -0.79 -9.46 35.28
N MET A 247 -1.18 -9.01 36.48
CA MET A 247 -2.08 -7.87 36.58
C MET A 247 -1.44 -6.60 36.02
N LYS A 248 -0.16 -6.39 36.30
CA LYS A 248 0.54 -5.23 35.76
C LYS A 248 0.62 -5.30 34.23
N LEU A 249 0.92 -6.49 33.69
CA LEU A 249 0.97 -6.63 32.24
C LEU A 249 -0.40 -6.39 31.61
N PHE A 250 -1.46 -6.91 32.24
CA PHE A 250 -2.81 -6.68 31.73
C PHE A 250 -3.17 -5.21 31.79
N ASP A 251 -2.79 -4.52 32.86
CA ASP A 251 -3.04 -3.09 32.96
C ASP A 251 -2.32 -2.32 31.85
N SER A 252 -1.06 -2.68 31.60
CA SER A 252 -0.31 -1.99 30.56
C SER A 252 -0.90 -2.25 29.17
N ILE A 253 -1.29 -3.48 28.89
CA ILE A 253 -1.81 -3.82 27.56
C ILE A 253 -3.19 -3.20 27.35
N CYS A 254 -4.07 -3.31 28.35
CA CYS A 254 -5.45 -2.86 28.20
C CYS A 254 -5.52 -1.35 27.99
N ASN A 255 -4.72 -0.59 28.75
CA ASN A 255 -4.74 0.86 28.69
C ASN A 255 -3.69 1.43 27.74
N ASN A 256 -3.18 0.61 26.82
CA ASN A 256 -2.28 1.10 25.80
C ASN A 256 -3.02 2.04 24.85
N LYS A 257 -2.29 3.04 24.33
CA LYS A 257 -2.91 3.99 23.43
C LYS A 257 -3.23 3.39 22.06
N TRP A 258 -2.61 2.26 21.72
CA TRP A 258 -2.88 1.59 20.45
C TRP A 258 -4.06 0.63 20.54
N PHE A 259 -4.52 0.31 21.74
CA PHE A 259 -5.61 -0.63 21.96
C PHE A 259 -6.72 0.01 22.78
N THR A 260 -7.06 1.25 22.45
CA THR A 260 -8.10 1.96 23.20
C THR A 260 -9.46 1.30 23.02
N ASP A 261 -9.77 0.85 21.80
CA ASP A 261 -11.08 0.27 21.51
C ASP A 261 -10.99 -1.20 21.10
N THR A 262 -9.86 -1.85 21.39
CA THR A 262 -9.66 -3.25 21.02
C THR A 262 -10.16 -4.14 22.14
N SER A 263 -11.15 -4.97 21.85
CA SER A 263 -11.70 -5.87 22.85
C SER A 263 -10.69 -6.93 23.24
N ILE A 264 -10.68 -7.29 24.52
CA ILE A 264 -9.72 -8.23 25.08
C ILE A 264 -10.46 -9.48 25.49
N ILE A 265 -10.02 -10.63 24.98
CA ILE A 265 -10.53 -11.93 25.41
C ILE A 265 -9.57 -12.46 26.46
N LEU A 266 -10.00 -12.43 27.72
CA LEU A 266 -9.17 -12.82 28.86
C LEU A 266 -9.43 -14.28 29.20
N PHE A 267 -8.38 -15.09 29.14
CA PHE A 267 -8.45 -16.50 29.49
C PHE A 267 -7.73 -16.70 30.82
N LEU A 268 -8.44 -17.21 31.82
CA LEU A 268 -7.86 -17.51 33.12
C LEU A 268 -7.61 -19.02 33.15
N ASN A 269 -6.41 -19.42 32.75
CA ASN A 269 -6.07 -20.83 32.54
C ASN A 269 -5.71 -21.51 33.86
N LYS A 270 -5.50 -22.82 33.76
CA LYS A 270 -5.13 -23.67 34.90
C LYS A 270 -6.18 -23.59 36.00
N LYS A 271 -7.40 -23.99 35.66
CA LYS A 271 -8.52 -23.90 36.59
C LYS A 271 -8.42 -24.94 37.69
N ASP A 272 -8.11 -26.18 37.34
CA ASP A 272 -8.17 -27.26 38.33
C ASP A 272 -6.99 -27.22 39.30
N LEU A 273 -5.82 -26.74 38.88
CA LEU A 273 -4.76 -26.50 39.85
C LEU A 273 -5.18 -25.45 40.86
N PHE A 274 -5.83 -24.37 40.40
CA PHE A 274 -6.33 -23.35 41.31
C PHE A 274 -7.36 -23.93 42.27
N GLU A 275 -8.26 -24.78 41.76
CA GLU A 275 -9.25 -25.41 42.63
C GLU A 275 -8.60 -26.30 43.67
N GLU A 276 -7.58 -27.07 43.27
CA GLU A 276 -6.93 -27.98 44.20
C GLU A 276 -6.07 -27.25 45.22
N LYS A 277 -5.56 -26.06 44.87
CA LYS A 277 -4.72 -25.31 45.79
C LYS A 277 -5.51 -24.30 46.63
N ILE A 278 -6.76 -24.01 46.28
CA ILE A 278 -7.54 -23.07 47.08
C ILE A 278 -8.00 -23.69 48.40
N LYS A 279 -7.95 -25.02 48.53
CA LYS A 279 -8.34 -25.64 49.79
C LYS A 279 -7.27 -25.43 50.86
N LYS A 280 -6.00 -25.56 50.49
CA LYS A 280 -4.90 -25.42 51.45
C LYS A 280 -4.40 -23.98 51.52
N SER A 281 -3.95 -23.44 50.40
CA SER A 281 -3.42 -22.08 50.36
C SER A 281 -4.57 -21.10 50.16
N PRO A 282 -4.80 -20.18 51.09
CA PRO A 282 -5.88 -19.20 50.92
C PRO A 282 -5.49 -18.09 49.96
N LEU A 283 -6.52 -17.37 49.49
CA LEU A 283 -6.30 -16.25 48.59
C LEU A 283 -5.66 -15.05 49.27
N THR A 284 -5.55 -15.06 50.60
CA THR A 284 -4.96 -13.95 51.32
C THR A 284 -3.48 -13.77 51.00
N ILE A 285 -2.81 -14.83 50.50
CA ILE A 285 -1.41 -14.72 50.14
C ILE A 285 -1.22 -13.71 49.02
N CYS A 286 -2.10 -13.75 48.01
CA CYS A 286 -2.04 -12.81 46.90
C CYS A 286 -2.75 -11.50 47.21
N TYR A 287 -4.02 -11.58 47.61
CA TYR A 287 -4.81 -10.39 47.90
C TYR A 287 -4.99 -10.24 49.41
N PRO A 288 -4.34 -9.28 50.05
CA PRO A 288 -4.47 -9.14 51.51
C PRO A 288 -5.82 -8.62 51.96
N GLU A 289 -6.63 -8.06 51.07
CA GLU A 289 -7.92 -7.48 51.43
C GLU A 289 -9.08 -8.25 50.80
N TYR A 290 -8.93 -9.57 50.66
CA TYR A 290 -9.99 -10.36 50.06
C TYR A 290 -11.18 -10.51 51.01
N ALA A 291 -10.95 -11.14 52.16
CA ALA A 291 -11.98 -11.36 53.18
C ALA A 291 -13.23 -12.01 52.58
N GLY A 292 -13.02 -13.22 52.06
CA GLY A 292 -14.10 -13.97 51.44
C GLY A 292 -13.95 -15.45 51.71
N SER A 293 -15.00 -16.20 51.33
CA SER A 293 -15.00 -17.63 51.55
C SER A 293 -13.91 -18.31 50.73
N ASN A 294 -13.28 -19.31 51.33
CA ASN A 294 -12.19 -20.02 50.66
C ASN A 294 -12.72 -21.12 49.75
N THR A 295 -13.61 -20.75 48.85
CA THR A 295 -14.16 -21.67 47.85
C THR A 295 -13.73 -21.22 46.46
N TYR A 296 -13.79 -22.15 45.51
CA TYR A 296 -13.35 -21.84 44.15
C TYR A 296 -14.21 -20.74 43.53
N GLU A 297 -15.53 -20.80 43.71
CA GLU A 297 -16.42 -19.86 43.04
C GLU A 297 -16.15 -18.42 43.48
N GLU A 298 -16.12 -18.19 44.79
CA GLU A 298 -15.92 -16.83 45.29
C GLU A 298 -14.54 -16.30 44.93
N ALA A 299 -13.51 -17.13 45.09
CA ALA A 299 -12.15 -16.68 44.78
C ALA A 299 -11.99 -16.38 43.29
N ALA A 300 -12.55 -17.25 42.44
CA ALA A 300 -12.45 -17.03 41.00
C ALA A 300 -13.22 -15.77 40.58
N ALA A 301 -14.39 -15.55 41.16
CA ALA A 301 -15.13 -14.33 40.87
C ALA A 301 -14.37 -13.10 41.32
N TYR A 302 -13.72 -13.18 42.49
CA TYR A 302 -12.91 -12.06 42.97
C TYR A 302 -11.74 -11.78 42.03
N ILE A 303 -11.07 -12.83 41.56
CA ILE A 303 -9.94 -12.65 40.65
C ILE A 303 -10.41 -12.02 39.34
N GLN A 304 -11.53 -12.51 38.80
CA GLN A 304 -12.05 -11.95 37.56
C GLN A 304 -12.44 -10.49 37.73
N CYS A 305 -13.10 -10.16 38.84
CA CYS A 305 -13.48 -8.77 39.10
C CYS A 305 -12.25 -7.88 39.24
N GLN A 306 -11.22 -8.37 39.94
CA GLN A 306 -9.99 -7.60 40.09
C GLN A 306 -9.32 -7.35 38.74
N PHE A 307 -9.38 -8.34 37.85
CA PHE A 307 -8.77 -8.16 36.54
C PHE A 307 -9.56 -7.19 35.68
N GLU A 308 -10.90 -7.30 35.66
CA GLU A 308 -11.69 -6.38 34.86
C GLU A 308 -11.78 -4.99 35.47
N ASP A 309 -11.39 -4.83 36.74
CA ASP A 309 -11.34 -3.50 37.33
C ASP A 309 -10.24 -2.63 36.73
N LEU A 310 -9.20 -3.24 36.16
CA LEU A 310 -8.12 -2.49 35.52
C LEU A 310 -8.56 -1.85 34.20
N ASN A 311 -9.74 -2.19 33.69
CA ASN A 311 -10.23 -1.67 32.43
C ASN A 311 -10.72 -0.24 32.64
N LYS A 312 -9.79 0.70 32.55
CA LYS A 312 -10.16 2.11 32.61
C LYS A 312 -10.96 2.48 31.36
N ARG A 313 -12.01 3.27 31.57
CA ARG A 313 -12.92 3.68 30.50
C ARG A 313 -13.54 2.46 29.81
N LYS A 314 -14.35 1.74 30.60
CA LYS A 314 -15.03 0.55 30.11
C LYS A 314 -16.32 0.91 29.40
N ASP A 315 -16.24 1.83 28.43
CA ASP A 315 -17.39 2.23 27.64
C ASP A 315 -17.21 2.00 26.15
N THR A 316 -15.98 1.79 25.67
CA THR A 316 -15.71 1.53 24.26
C THR A 316 -15.20 0.12 23.99
N LYS A 317 -14.54 -0.50 24.96
CA LYS A 317 -13.99 -1.84 24.80
C LYS A 317 -14.58 -2.77 25.85
N GLU A 318 -14.81 -4.02 25.47
CA GLU A 318 -15.43 -5.01 26.33
C GLU A 318 -14.45 -6.15 26.57
N ILE A 319 -14.33 -6.57 27.82
CA ILE A 319 -13.44 -7.65 28.22
C ILE A 319 -14.26 -8.93 28.34
N TYR A 320 -13.87 -9.95 27.59
CA TYR A 320 -14.54 -11.25 27.61
C TYR A 320 -13.70 -12.19 28.46
N THR A 321 -14.18 -12.51 29.66
CA THR A 321 -13.45 -13.36 30.58
C THR A 321 -13.97 -14.79 30.52
N HIS A 322 -13.06 -15.76 30.46
CA HIS A 322 -13.41 -17.16 30.38
C HIS A 322 -12.51 -17.96 31.32
N PHE A 323 -13.07 -18.97 31.96
CA PHE A 323 -12.32 -19.86 32.84
C PHE A 323 -12.06 -21.16 32.09
N THR A 324 -10.79 -21.45 31.82
CA THR A 324 -10.41 -22.62 31.04
C THR A 324 -9.42 -23.46 31.81
N CYS A 325 -9.46 -24.76 31.55
CA CYS A 325 -8.50 -25.73 32.09
C CYS A 325 -7.77 -26.38 30.92
N ALA A 326 -6.83 -27.28 31.26
CA ALA A 326 -6.08 -27.97 30.22
C ALA A 326 -7.00 -28.87 29.39
N THR A 327 -7.88 -29.63 30.05
CA THR A 327 -8.81 -30.53 29.38
C THR A 327 -10.17 -29.84 29.32
N ASP A 328 -10.29 -28.87 28.41
CA ASP A 328 -11.54 -28.15 28.23
C ASP A 328 -11.53 -27.56 26.83
N THR A 329 -12.38 -28.09 25.95
CA THR A 329 -12.43 -27.65 24.56
C THR A 329 -13.73 -26.89 24.33
N LYS A 330 -13.72 -25.61 24.72
CA LYS A 330 -14.79 -24.68 24.41
C LYS A 330 -14.26 -23.29 24.08
N ASN A 331 -12.94 -23.09 24.05
CA ASN A 331 -12.40 -21.75 23.92
C ASN A 331 -12.52 -21.22 22.51
N VAL A 332 -12.54 -22.10 21.50
CA VAL A 332 -12.67 -21.65 20.12
C VAL A 332 -14.03 -21.01 19.91
N GLN A 333 -15.09 -21.59 20.47
CA GLN A 333 -16.42 -21.00 20.36
C GLN A 333 -16.49 -19.65 21.07
N PHE A 334 -15.83 -19.54 22.23
CA PHE A 334 -15.81 -18.28 22.96
C PHE A 334 -15.10 -17.20 22.16
N VAL A 335 -13.96 -17.53 21.57
CA VAL A 335 -13.23 -16.58 20.74
C VAL A 335 -14.08 -16.20 19.53
N PHE A 336 -14.77 -17.16 18.93
CA PHE A 336 -15.62 -16.87 17.78
C PHE A 336 -16.76 -15.93 18.16
N ASP A 337 -17.37 -16.14 19.32
CA ASP A 337 -18.46 -15.26 19.75
C ASP A 337 -17.95 -13.84 20.01
N ALA A 338 -16.82 -13.70 20.69
CA ALA A 338 -16.26 -12.37 20.93
C ALA A 338 -15.89 -11.70 19.62
N VAL A 339 -15.31 -12.46 18.68
CA VAL A 339 -14.91 -11.90 17.39
C VAL A 339 -16.13 -11.48 16.59
N THR A 340 -17.21 -12.27 16.65
CA THR A 340 -18.43 -11.92 15.95
C THR A 340 -19.04 -10.64 16.51
N ASP A 341 -19.02 -10.47 17.84
CA ASP A 341 -19.49 -9.21 18.42
C ASP A 341 -18.63 -8.04 17.97
N VAL A 342 -17.31 -8.23 17.94
CA VAL A 342 -16.42 -7.17 17.49
C VAL A 342 -16.68 -6.84 16.03
N ILE A 343 -16.95 -7.85 15.20
CA ILE A 343 -17.22 -7.61 13.79
C ILE A 343 -18.54 -6.87 13.60
N ILE A 344 -19.56 -7.22 14.39
CA ILE A 344 -20.82 -6.50 14.33
C ILE A 344 -20.61 -5.04 14.67
N LYS A 345 -19.84 -4.77 15.73
CA LYS A 345 -19.55 -3.38 16.08
C LYS A 345 -18.76 -2.69 14.98
N ASN A 346 -17.81 -3.40 14.37
CA ASN A 346 -16.96 -2.80 13.35
C ASN A 346 -17.77 -2.39 12.13
N ASN A 347 -18.66 -3.26 11.66
CA ASN A 347 -19.46 -2.88 10.50
C ASN A 347 -20.66 -2.02 10.86
N LEU A 348 -21.02 -1.92 12.15
CA LEU A 348 -21.92 -0.86 12.57
C LEU A 348 -21.26 0.50 12.43
N LYS A 349 -20.01 0.60 12.87
CA LYS A 349 -19.26 1.84 12.68
C LYS A 349 -18.99 2.11 11.20
N ASP A 350 -18.80 1.05 10.41
CA ASP A 350 -18.59 1.22 8.97
C ASP A 350 -19.83 1.85 8.32
N CYS A 351 -21.02 1.39 8.70
CA CYS A 351 -22.27 1.88 8.16
C CYS A 351 -22.62 3.28 8.61
N GLY A 352 -21.75 3.97 9.36
CA GLY A 352 -22.09 5.29 9.86
C GLY A 352 -23.29 5.28 10.78
N LEU A 353 -23.44 4.23 11.58
CA LEU A 353 -24.64 4.04 12.39
C LEU A 353 -24.20 3.31 13.67
N PHE A 354 -23.96 4.07 14.72
CA PHE A 354 -23.53 3.47 15.99
C PHE A 354 -23.80 4.40 17.16
N GLU B 8 36.56 -4.71 43.74
CA GLU B 8 37.11 -3.64 42.92
C GLU B 8 36.06 -3.09 41.96
N LEU B 9 34.82 -3.56 42.12
CA LEU B 9 33.74 -3.08 41.26
C LEU B 9 33.50 -1.59 41.47
N ASP B 10 33.51 -1.13 42.74
CA ASP B 10 33.37 0.29 43.01
C ASP B 10 34.53 1.09 42.43
N GLN B 11 35.75 0.54 42.52
CA GLN B 11 36.90 1.21 41.93
C GLN B 11 36.76 1.33 40.42
N LEU B 12 36.29 0.26 39.77
CA LEU B 12 36.09 0.31 38.32
C LEU B 12 35.00 1.30 37.95
N ARG B 13 33.92 1.37 38.72
CA ARG B 13 32.87 2.34 38.45
C ARG B 13 33.38 3.77 38.62
N GLN B 14 34.20 4.00 39.65
CA GLN B 14 34.79 5.32 39.84
C GLN B 14 35.72 5.68 38.68
N GLU B 15 36.50 4.70 38.21
CA GLU B 15 37.38 4.94 37.07
C GLU B 15 36.57 5.28 35.82
N ALA B 16 35.47 4.55 35.60
CA ALA B 16 34.62 4.85 34.45
C ALA B 16 34.01 6.24 34.54
N GLU B 17 33.56 6.63 35.73
CA GLU B 17 33.00 7.97 35.91
C GLU B 17 34.06 9.04 35.69
N GLN B 18 35.29 8.81 36.18
CA GLN B 18 36.37 9.75 35.96
C GLN B 18 36.72 9.88 34.48
N LEU B 19 36.74 8.75 33.76
CA LEU B 19 37.00 8.80 32.32
C LEU B 19 35.89 9.53 31.59
N LYS B 20 34.64 9.33 32.00
CA LYS B 20 33.53 10.04 31.38
C LYS B 20 33.64 11.54 31.61
N ASN B 21 34.00 11.94 32.84
CA ASN B 21 34.19 13.36 33.12
C ASN B 21 35.35 13.93 32.32
N GLN B 22 36.42 13.16 32.18
CA GLN B 22 37.55 13.60 31.37
C GLN B 22 37.15 13.81 29.92
N ILE B 23 36.37 12.89 29.37
CA ILE B 23 35.88 13.04 27.99
C ILE B 23 35.00 14.27 27.88
N ARG B 24 34.12 14.48 28.87
CA ARG B 24 33.22 15.63 28.83
C ARG B 24 33.99 16.94 28.84
N ASP B 25 35.01 17.06 29.71
CA ASP B 25 35.76 18.31 29.76
C ASP B 25 36.68 18.48 28.56
N ALA B 26 37.18 17.37 28.01
CA ALA B 26 38.01 17.46 26.81
C ALA B 26 37.19 17.94 25.62
N ARG B 27 35.95 17.44 25.48
CA ARG B 27 35.09 17.91 24.40
C ARG B 27 34.47 19.25 24.69
N LYS B 28 34.47 19.69 25.96
CA LYS B 28 34.02 21.03 26.29
C LYS B 28 35.06 22.09 25.94
N ALA B 29 36.35 21.74 26.05
CA ALA B 29 37.40 22.71 25.77
C ALA B 29 37.40 23.15 24.31
N CYS B 30 36.99 22.26 23.39
CA CYS B 30 36.99 22.56 21.97
C CYS B 30 35.62 23.02 21.47
N ALA B 31 34.85 23.70 22.32
CA ALA B 31 33.52 24.20 21.99
C ALA B 31 33.44 25.70 22.25
N ASP B 32 34.45 26.43 21.77
CA ASP B 32 34.51 27.87 22.02
C ASP B 32 33.33 28.60 21.39
N ALA B 33 32.99 28.25 20.16
CA ALA B 33 31.91 28.89 19.42
C ALA B 33 30.72 27.94 19.31
N THR B 34 29.65 28.43 18.70
CA THR B 34 28.44 27.65 18.45
C THR B 34 28.08 27.75 16.98
N LEU B 35 27.37 26.74 16.50
CA LEU B 35 26.93 26.72 15.10
C LEU B 35 25.99 27.89 14.81
N SER B 36 25.26 28.37 15.82
CA SER B 36 24.31 29.46 15.59
C SER B 36 25.02 30.76 15.21
N GLN B 37 26.09 31.10 15.92
CA GLN B 37 26.76 32.39 15.69
C GLN B 37 27.42 32.44 14.33
N ILE B 38 28.05 31.34 13.90
CA ILE B 38 28.76 31.33 12.64
C ILE B 38 27.79 31.52 11.47
N THR B 39 26.65 30.83 11.51
CA THR B 39 25.67 30.90 10.43
C THR B 39 24.63 32.00 10.65
N ASN B 40 24.77 32.81 11.69
CA ASN B 40 23.81 33.88 11.93
C ASN B 40 23.83 34.92 10.83
N ASN B 41 25.02 35.26 10.33
CA ASN B 41 25.15 36.32 9.34
C ASN B 41 24.89 35.85 7.91
N ILE B 42 24.71 34.55 7.69
CA ILE B 42 24.48 34.06 6.35
C ILE B 42 23.00 34.18 5.99
N ASP B 43 22.73 34.19 4.69
CA ASP B 43 21.36 34.33 4.21
C ASP B 43 20.58 33.05 4.44
N PRO B 44 19.47 33.09 5.17
CA PRO B 44 18.70 31.86 5.42
C PRO B 44 17.90 31.44 4.20
N VAL B 45 17.34 30.24 4.29
CA VAL B 45 16.43 29.77 3.25
C VAL B 45 15.19 30.64 3.25
N GLY B 46 14.79 31.12 2.08
CA GLY B 46 13.67 32.03 1.98
C GLY B 46 12.37 31.39 2.42
N ARG B 47 11.88 30.45 1.63
CA ARG B 47 10.65 29.73 1.97
C ARG B 47 10.61 28.45 1.13
N ILE B 48 10.67 27.31 1.78
CA ILE B 48 10.55 26.04 1.08
C ILE B 48 9.06 25.76 0.85
N GLN B 49 8.71 25.50 -0.41
CA GLN B 49 7.32 25.22 -0.79
C GLN B 49 7.34 24.09 -1.82
N MET B 50 7.27 22.86 -1.34
CA MET B 50 7.22 21.70 -2.20
C MET B 50 5.77 21.25 -2.38
N ARG B 51 5.52 20.53 -3.48
CA ARG B 51 4.19 20.09 -3.83
C ARG B 51 4.22 18.62 -4.23
N THR B 52 3.10 17.94 -4.04
CA THR B 52 3.01 16.52 -4.35
C THR B 52 3.00 16.31 -5.85
N ARG B 53 4.18 16.06 -6.43
CA ARG B 53 4.25 15.81 -7.86
C ARG B 53 3.61 14.48 -8.23
N ARG B 54 3.83 13.44 -7.43
CA ARG B 54 3.26 12.12 -7.67
C ARG B 54 2.69 11.58 -6.38
N THR B 55 1.70 10.70 -6.51
CA THR B 55 1.14 9.95 -5.40
C THR B 55 1.13 8.48 -5.79
N LEU B 56 1.77 7.66 -4.98
CA LEU B 56 1.91 6.23 -5.27
C LEU B 56 0.86 5.47 -4.48
N ARG B 57 -0.05 4.81 -5.18
CA ARG B 57 -1.13 4.06 -4.56
C ARG B 57 -1.01 2.59 -4.92
N GLY B 58 -1.42 1.73 -4.00
CA GLY B 58 -1.34 0.30 -4.19
C GLY B 58 -1.02 -0.45 -2.93
N HIS B 59 -0.49 0.25 -1.93
CA HIS B 59 -0.26 -0.33 -0.61
C HIS B 59 -1.53 -0.20 0.20
N LEU B 60 -1.93 -1.30 0.86
CA LEU B 60 -3.19 -1.36 1.59
C LEU B 60 -2.97 -1.48 3.10
N ALA B 61 -1.86 -0.93 3.59
CA ALA B 61 -1.54 -0.90 5.01
C ALA B 61 -0.48 0.17 5.22
N LYS B 62 -0.07 0.34 6.47
CA LYS B 62 0.89 1.39 6.79
C LYS B 62 2.22 1.14 6.12
N ILE B 63 2.82 2.20 5.58
CA ILE B 63 4.18 2.15 5.06
C ILE B 63 5.14 2.29 6.24
N TYR B 64 6.13 1.40 6.31
CA TYR B 64 7.11 1.44 7.38
C TYR B 64 8.50 1.84 6.93
N ALA B 65 8.84 1.66 5.65
CA ALA B 65 10.15 2.04 5.17
C ALA B 65 10.11 2.25 3.66
N MET B 66 10.99 3.11 3.18
CA MET B 66 11.23 3.30 1.76
C MET B 66 12.71 3.57 1.55
N HIS B 67 13.18 3.26 0.34
CA HIS B 67 14.56 3.53 -0.02
C HIS B 67 14.65 3.83 -1.51
N TRP B 68 15.26 4.95 -1.85
CA TRP B 68 15.46 5.32 -3.24
C TRP B 68 16.53 4.45 -3.89
N GLY B 69 16.41 4.27 -5.20
CA GLY B 69 17.47 3.64 -5.96
C GLY B 69 18.59 4.62 -6.28
N THR B 70 19.73 4.05 -6.69
CA THR B 70 20.87 4.88 -7.07
C THR B 70 20.58 5.69 -8.33
N ASP B 71 19.82 5.12 -9.25
CA ASP B 71 19.43 5.84 -10.47
C ASP B 71 18.43 6.95 -10.22
N SER B 72 17.89 7.05 -9.00
CA SER B 72 17.00 8.12 -8.57
C SER B 72 15.67 8.10 -9.31
N ARG B 73 15.30 6.98 -9.89
CA ARG B 73 14.01 6.82 -10.54
C ARG B 73 13.18 5.71 -9.93
N LEU B 74 13.82 4.61 -9.53
CA LEU B 74 13.14 3.51 -8.88
C LEU B 74 13.28 3.63 -7.37
N LEU B 75 12.25 3.17 -6.66
CA LEU B 75 12.27 3.18 -5.20
C LEU B 75 11.49 1.96 -4.70
N VAL B 76 11.96 1.39 -3.61
CA VAL B 76 11.32 0.23 -3.00
C VAL B 76 10.56 0.70 -1.76
N SER B 77 9.37 0.14 -1.55
CA SER B 77 8.53 0.49 -0.42
C SER B 77 8.18 -0.77 0.35
N ALA B 78 8.19 -0.66 1.68
CA ALA B 78 7.81 -1.75 2.56
C ALA B 78 6.56 -1.35 3.32
N SER B 79 5.54 -2.21 3.28
CA SER B 79 4.31 -1.97 4.01
C SER B 79 3.89 -3.25 4.69
N GLN B 80 3.10 -3.09 5.76
CA GLN B 80 2.72 -4.20 6.62
C GLN B 80 1.57 -5.04 6.05
N ASP B 81 1.25 -4.87 4.76
CA ASP B 81 0.38 -5.79 4.06
C ASP B 81 1.14 -6.95 3.44
N GLY B 82 2.44 -7.08 3.76
CA GLY B 82 3.25 -8.16 3.24
C GLY B 82 3.76 -7.95 1.85
N LYS B 83 3.82 -6.70 1.38
CA LYS B 83 4.20 -6.40 0.01
C LYS B 83 5.41 -5.50 -0.03
N LEU B 84 6.35 -5.82 -0.91
CA LEU B 84 7.50 -5.00 -1.24
C LEU B 84 7.32 -4.53 -2.68
N ILE B 85 7.04 -3.24 -2.87
CA ILE B 85 6.72 -2.69 -4.17
C ILE B 85 7.89 -1.82 -4.63
N ILE B 86 8.37 -2.06 -5.85
CA ILE B 86 9.34 -1.20 -6.50
C ILE B 86 8.60 -0.30 -7.48
N TRP B 87 8.72 1.00 -7.28
CA TRP B 87 7.96 1.98 -8.05
C TRP B 87 8.82 2.60 -9.14
N ASP B 88 8.15 3.26 -10.07
CA ASP B 88 8.76 4.15 -11.04
C ASP B 88 8.22 5.53 -10.73
N SER B 89 9.02 6.35 -10.04
CA SER B 89 8.54 7.64 -9.55
C SER B 89 8.23 8.61 -10.69
N TYR B 90 8.73 8.36 -11.90
CA TYR B 90 8.46 9.26 -13.01
C TYR B 90 7.07 9.01 -13.58
N THR B 91 6.82 7.77 -14.02
CA THR B 91 5.55 7.41 -14.65
C THR B 91 4.51 6.91 -13.66
N THR B 92 4.89 6.71 -12.40
CA THR B 92 3.98 6.25 -11.34
C THR B 92 3.35 4.91 -11.71
N ASN B 93 4.20 3.93 -11.99
CA ASN B 93 3.75 2.58 -12.25
C ASN B 93 4.68 1.59 -11.55
N LYS B 94 4.13 0.43 -11.23
CA LYS B 94 4.82 -0.55 -10.40
C LYS B 94 5.68 -1.46 -11.26
N VAL B 95 6.98 -1.52 -10.95
CA VAL B 95 7.88 -2.39 -11.70
C VAL B 95 7.83 -3.81 -11.17
N HIS B 96 7.84 -3.97 -9.85
CA HIS B 96 7.76 -5.28 -9.20
C HIS B 96 6.85 -5.17 -7.99
N ALA B 97 6.34 -6.33 -7.58
CA ALA B 97 5.58 -6.45 -6.33
C ALA B 97 6.02 -7.76 -5.68
N ILE B 98 6.82 -7.66 -4.64
CA ILE B 98 7.43 -8.83 -3.99
C ILE B 98 6.58 -9.20 -2.77
N PRO B 99 6.00 -10.40 -2.73
CA PRO B 99 5.33 -10.85 -1.51
C PRO B 99 6.34 -11.38 -0.50
N LEU B 100 6.16 -10.98 0.75
CA LEU B 100 7.09 -11.33 1.83
C LEU B 100 6.55 -12.51 2.63
N ARG B 101 7.49 -13.30 3.15
CA ARG B 101 7.10 -14.42 4.01
C ARG B 101 6.47 -13.92 5.31
N SER B 102 7.04 -12.89 5.91
CA SER B 102 6.52 -12.28 7.13
C SER B 102 6.07 -10.86 6.82
N SER B 103 4.83 -10.54 7.15
CA SER B 103 4.28 -9.23 6.84
C SER B 103 4.73 -8.14 7.81
N TRP B 104 5.36 -8.51 8.91
CA TRP B 104 5.83 -7.53 9.90
C TRP B 104 7.24 -7.11 9.51
N VAL B 105 7.31 -6.19 8.56
CA VAL B 105 8.58 -5.65 8.07
C VAL B 105 8.72 -4.22 8.57
N MET B 106 9.87 -3.92 9.14
CA MET B 106 10.15 -2.60 9.67
C MET B 106 11.19 -1.83 8.88
N THR B 107 11.87 -2.46 7.93
CA THR B 107 12.88 -1.79 7.15
C THR B 107 12.99 -2.43 5.77
N CYS B 108 13.51 -1.65 4.83
CA CYS B 108 13.79 -2.12 3.48
C CYS B 108 14.96 -1.33 2.92
N ALA B 109 15.74 -1.97 2.06
CA ALA B 109 16.92 -1.34 1.48
C ALA B 109 17.00 -1.68 0.00
N TYR B 110 17.69 -0.81 -0.73
CA TYR B 110 17.95 -0.96 -2.16
C TYR B 110 19.44 -1.04 -2.38
N ALA B 111 19.90 -2.06 -3.09
CA ALA B 111 21.32 -2.20 -3.37
C ALA B 111 21.78 -1.06 -4.28
N PRO B 112 23.00 -0.55 -4.07
CA PRO B 112 23.50 0.51 -4.95
C PRO B 112 23.59 0.09 -6.41
N SER B 113 23.84 -1.19 -6.66
CA SER B 113 23.86 -1.69 -8.04
C SER B 113 22.46 -1.80 -8.63
N GLY B 114 21.45 -1.96 -7.79
CA GLY B 114 20.09 -2.13 -8.24
C GLY B 114 19.68 -3.57 -8.50
N ASN B 115 20.58 -4.52 -8.30
CA ASN B 115 20.25 -5.93 -8.52
C ASN B 115 19.56 -6.58 -7.35
N TYR B 116 19.56 -5.94 -6.18
CA TYR B 116 19.03 -6.56 -4.96
C TYR B 116 18.24 -5.55 -4.15
N VAL B 117 17.29 -6.05 -3.37
CA VAL B 117 16.62 -5.31 -2.32
C VAL B 117 16.65 -6.18 -1.06
N ALA B 118 16.53 -5.52 0.09
CA ALA B 118 16.54 -6.20 1.38
C ALA B 118 15.33 -5.73 2.19
N CYS B 119 14.90 -6.57 3.12
CA CYS B 119 13.82 -6.22 4.02
C CYS B 119 13.90 -7.11 5.25
N GLY B 120 13.31 -6.63 6.34
CA GLY B 120 13.31 -7.37 7.59
C GLY B 120 12.37 -6.73 8.58
N GLY B 121 12.19 -7.41 9.70
CA GLY B 121 11.27 -6.93 10.72
C GLY B 121 11.23 -7.80 11.96
N LEU B 122 10.02 -8.12 12.42
CA LEU B 122 9.83 -8.86 13.66
C LEU B 122 10.31 -10.30 13.56
N ASP B 123 10.64 -10.79 12.36
CA ASP B 123 11.18 -12.12 12.19
C ASP B 123 12.67 -12.22 12.52
N ASN B 124 13.32 -11.10 12.82
CA ASN B 124 14.76 -11.05 13.11
C ASN B 124 15.60 -11.61 11.96
N ILE B 125 15.16 -11.38 10.73
CA ILE B 125 15.82 -11.92 9.55
C ILE B 125 15.92 -10.82 8.50
N CYS B 126 17.07 -10.73 7.85
CA CYS B 126 17.23 -9.89 6.66
C CYS B 126 17.19 -10.79 5.44
N SER B 127 16.24 -10.50 4.54
CA SER B 127 16.07 -11.28 3.31
C SER B 127 16.55 -10.45 2.14
N ILE B 128 17.37 -11.07 1.29
CA ILE B 128 17.91 -10.42 0.09
C ILE B 128 17.19 -10.98 -1.12
N TYR B 129 16.61 -10.09 -1.93
CA TYR B 129 15.84 -10.46 -3.11
C TYR B 129 16.60 -10.09 -4.37
N ASN B 130 16.73 -11.04 -5.29
CA ASN B 130 17.42 -10.83 -6.55
C ASN B 130 16.45 -10.22 -7.55
N LEU B 131 16.67 -8.96 -7.90
CA LEU B 131 15.77 -8.26 -8.82
C LEU B 131 15.99 -8.67 -10.26
N LYS B 132 17.21 -9.06 -10.63
CA LYS B 132 17.58 -9.32 -12.02
C LYS B 132 17.97 -10.79 -12.16
N THR B 133 16.99 -11.62 -12.51
CA THR B 133 17.21 -13.04 -12.75
C THR B 133 16.93 -13.36 -14.22
N ARG B 134 17.35 -14.56 -14.63
CA ARG B 134 17.02 -15.04 -15.97
C ARG B 134 15.51 -15.18 -16.14
N GLU B 135 14.84 -15.70 -15.12
CA GLU B 135 13.39 -15.69 -15.08
C GLU B 135 12.89 -14.27 -14.83
N GLY B 136 11.60 -14.05 -15.08
CA GLY B 136 11.05 -12.73 -14.92
C GLY B 136 10.58 -12.38 -13.54
N ASN B 137 10.79 -13.26 -12.57
CA ASN B 137 10.31 -13.04 -11.21
C ASN B 137 11.44 -12.60 -10.30
N VAL B 138 11.06 -12.03 -9.15
CA VAL B 138 11.98 -11.69 -8.08
C VAL B 138 11.94 -12.79 -7.04
N ARG B 139 13.10 -13.34 -6.70
CA ARG B 139 13.19 -14.42 -5.73
C ARG B 139 14.20 -14.04 -4.66
N VAL B 140 13.97 -14.58 -3.46
CA VAL B 140 14.91 -14.36 -2.36
C VAL B 140 16.21 -15.11 -2.64
N SER B 141 17.33 -14.45 -2.37
CA SER B 141 18.64 -15.04 -2.63
C SER B 141 19.31 -15.58 -1.38
N ARG B 142 19.15 -14.91 -0.25
CA ARG B 142 19.66 -15.42 1.02
C ARG B 142 18.87 -14.81 2.16
N GLU B 143 18.72 -15.58 3.23
CA GLU B 143 18.11 -15.13 4.47
C GLU B 143 19.17 -15.10 5.55
N LEU B 144 19.35 -13.94 6.17
CA LEU B 144 20.43 -13.71 7.12
C LEU B 144 19.88 -13.82 8.54
N ALA B 145 20.08 -14.96 9.18
CA ALA B 145 19.64 -15.20 10.54
C ALA B 145 20.81 -15.12 11.51
N GLY B 146 20.50 -14.74 12.75
CA GLY B 146 21.54 -14.56 13.75
C GLY B 146 21.26 -13.43 14.73
N HIS B 147 20.31 -12.57 14.40
CA HIS B 147 19.85 -11.55 15.33
C HIS B 147 18.79 -12.13 16.25
N THR B 148 18.88 -11.81 17.53
CA THR B 148 17.90 -12.27 18.51
C THR B 148 16.81 -11.26 18.77
N GLY B 149 16.84 -10.11 18.10
CA GLY B 149 15.77 -9.14 18.20
C GLY B 149 15.34 -8.70 16.81
N TYR B 150 14.25 -7.93 16.77
CA TYR B 150 13.70 -7.49 15.50
C TYR B 150 14.70 -6.62 14.75
N LEU B 151 14.64 -6.67 13.42
CA LEU B 151 15.50 -5.86 12.57
C LEU B 151 14.85 -4.50 12.34
N SER B 152 15.57 -3.44 12.69
CA SER B 152 15.04 -2.09 12.56
C SER B 152 15.61 -1.32 11.37
N CYS B 153 16.78 -1.71 10.87
CA CYS B 153 17.35 -1.06 9.70
C CYS B 153 18.34 -2.01 9.04
N CYS B 154 18.60 -1.75 7.76
CA CYS B 154 19.59 -2.49 6.99
C CYS B 154 20.03 -1.63 5.83
N ARG B 155 21.32 -1.68 5.52
CA ARG B 155 21.89 -0.87 4.44
C ARG B 155 22.93 -1.70 3.70
N PHE B 156 22.83 -1.73 2.38
CA PHE B 156 23.78 -2.47 1.57
C PHE B 156 25.12 -1.77 1.54
N LEU B 157 26.19 -2.52 1.83
CA LEU B 157 27.54 -2.01 1.58
C LEU B 157 27.89 -2.14 0.10
N ASP B 158 27.75 -3.34 -0.44
CA ASP B 158 27.88 -3.60 -1.86
C ASP B 158 26.97 -4.79 -2.17
N ASP B 159 27.18 -5.41 -3.33
CA ASP B 159 26.36 -6.55 -3.73
C ASP B 159 26.55 -7.75 -2.82
N ASN B 160 27.62 -7.79 -2.03
CA ASN B 160 27.93 -8.94 -1.20
C ASN B 160 27.98 -8.65 0.30
N GLN B 161 27.90 -7.40 0.71
CA GLN B 161 27.97 -7.04 2.13
C GLN B 161 26.80 -6.15 2.49
N ILE B 162 26.20 -6.43 3.64
CA ILE B 162 25.10 -5.64 4.19
C ILE B 162 25.29 -5.52 5.69
N VAL B 163 24.91 -4.38 6.26
CA VAL B 163 24.99 -4.15 7.69
C VAL B 163 23.59 -3.92 8.21
N THR B 164 23.22 -4.64 9.26
CA THR B 164 21.88 -4.60 9.83
C THR B 164 21.94 -4.25 11.31
N SER B 165 21.01 -3.42 11.75
CA SER B 165 20.80 -3.15 13.16
C SER B 165 19.64 -4.00 13.67
N SER B 166 19.59 -4.17 15.00
CA SER B 166 18.57 -5.02 15.58
C SER B 166 18.18 -4.50 16.95
N GLY B 167 17.03 -4.97 17.43
CA GLY B 167 16.54 -4.64 18.75
C GLY B 167 17.17 -5.41 19.88
N ASP B 168 18.13 -6.28 19.57
CA ASP B 168 18.90 -7.00 20.57
C ASP B 168 20.15 -6.25 21.00
N THR B 169 20.17 -4.93 20.83
CA THR B 169 21.29 -4.07 21.23
C THR B 169 22.58 -4.46 20.51
N THR B 170 22.47 -4.71 19.20
CA THR B 170 23.63 -5.19 18.44
C THR B 170 23.43 -4.88 16.97
N CYS B 171 24.48 -4.35 16.34
CA CYS B 171 24.58 -4.24 14.90
C CYS B 171 25.54 -5.29 14.37
N ALA B 172 25.30 -5.77 13.16
CA ALA B 172 26.08 -6.84 12.58
C ALA B 172 26.47 -6.49 11.14
N LEU B 173 27.61 -7.03 10.72
CA LEU B 173 28.06 -6.93 9.34
C LEU B 173 28.03 -8.33 8.74
N TRP B 174 27.33 -8.48 7.62
CA TRP B 174 27.10 -9.79 7.03
C TRP B 174 27.87 -9.95 5.74
N ASP B 175 28.07 -11.21 5.36
CA ASP B 175 28.62 -11.59 4.06
C ASP B 175 27.54 -12.38 3.34
N ILE B 176 26.90 -11.75 2.36
CA ILE B 176 25.77 -12.38 1.69
C ILE B 176 26.19 -13.59 0.88
N GLU B 177 27.48 -13.72 0.54
CA GLU B 177 27.94 -14.89 -0.18
C GLU B 177 27.79 -16.16 0.65
N THR B 178 28.15 -16.10 1.94
CA THR B 178 28.09 -17.26 2.81
C THR B 178 26.96 -17.20 3.83
N GLY B 179 26.39 -16.03 4.09
CA GLY B 179 25.28 -15.92 5.00
C GLY B 179 25.65 -15.83 6.47
N GLN B 180 26.93 -15.62 6.79
CA GLN B 180 27.40 -15.54 8.16
C GLN B 180 27.87 -14.13 8.46
N GLN B 181 27.49 -13.62 9.63
CA GLN B 181 27.90 -12.28 10.05
C GLN B 181 29.38 -12.29 10.36
N THR B 182 30.17 -11.64 9.50
CA THR B 182 31.62 -11.60 9.70
C THR B 182 31.96 -10.80 10.96
N THR B 183 31.24 -9.71 11.21
CA THR B 183 31.51 -8.84 12.35
C THR B 183 30.24 -8.57 13.12
N THR B 184 30.38 -8.37 14.43
CA THR B 184 29.29 -8.00 15.31
C THR B 184 29.69 -6.77 16.09
N PHE B 185 28.82 -5.77 16.11
CA PHE B 185 29.11 -4.47 16.72
C PHE B 185 28.29 -4.34 17.99
N THR B 186 28.91 -4.64 19.13
CA THR B 186 28.25 -4.60 20.43
C THR B 186 28.70 -3.38 21.21
N GLY B 187 27.87 -2.98 22.17
CA GLY B 187 28.16 -1.82 22.99
C GLY B 187 26.94 -0.99 23.34
N HIS B 188 25.91 -1.05 22.51
CA HIS B 188 24.66 -0.38 22.82
C HIS B 188 23.94 -1.10 23.96
N THR B 189 23.39 -0.33 24.88
CA THR B 189 22.61 -0.87 25.99
C THR B 189 21.12 -0.89 25.71
N GLY B 190 20.68 -0.37 24.56
CA GLY B 190 19.29 -0.40 24.18
C GLY B 190 19.14 -0.86 22.74
N ASP B 191 17.88 -1.05 22.34
CA ASP B 191 17.59 -1.50 20.99
C ASP B 191 18.05 -0.48 19.96
N VAL B 192 18.81 -0.94 18.98
CA VAL B 192 19.27 -0.07 17.90
C VAL B 192 18.13 0.12 16.91
N MET B 193 17.81 1.38 16.61
CA MET B 193 16.66 1.69 15.78
C MET B 193 17.00 2.15 14.37
N SER B 194 18.20 2.68 14.13
CA SER B 194 18.51 3.24 12.83
C SER B 194 19.96 2.99 12.48
N LEU B 195 20.26 3.14 11.18
CA LEU B 195 21.58 2.97 10.63
C LEU B 195 21.82 4.05 9.59
N SER B 196 23.10 4.34 9.33
CA SER B 196 23.45 5.28 8.28
C SER B 196 24.88 5.02 7.86
N LEU B 197 25.08 4.54 6.65
CA LEU B 197 26.41 4.34 6.11
C LEU B 197 26.98 5.65 5.62
N ALA B 198 28.29 5.84 5.83
CA ALA B 198 28.94 7.05 5.39
C ALA B 198 29.04 7.08 3.87
N PRO B 199 29.17 8.27 3.28
CA PRO B 199 29.43 8.32 1.83
C PRO B 199 30.69 7.58 1.44
N ASP B 200 31.74 7.63 2.25
CA ASP B 200 32.95 6.88 2.00
C ASP B 200 32.81 5.40 2.34
N THR B 201 31.72 5.01 2.99
CA THR B 201 31.29 3.64 3.27
C THR B 201 32.18 2.93 4.29
N ARG B 202 33.25 3.57 4.78
CA ARG B 202 34.18 2.92 5.68
C ARG B 202 33.71 2.89 7.13
N LEU B 203 32.67 3.63 7.48
CA LEU B 203 32.16 3.63 8.85
C LEU B 203 30.69 4.00 8.83
N PHE B 204 29.99 3.67 9.91
CA PHE B 204 28.56 3.93 10.01
C PHE B 204 28.21 4.31 11.44
N VAL B 205 27.08 5.01 11.59
CA VAL B 205 26.54 5.40 12.88
C VAL B 205 25.24 4.64 13.12
N SER B 206 24.88 4.49 14.39
CA SER B 206 23.68 3.77 14.76
C SER B 206 23.07 4.38 16.01
N GLY B 207 21.80 4.74 15.93
CA GLY B 207 21.07 5.27 17.07
C GLY B 207 20.30 4.15 17.77
N ALA B 208 20.29 4.21 19.10
CA ALA B 208 19.69 3.15 19.91
C ALA B 208 18.66 3.74 20.86
N CYS B 209 17.92 2.84 21.51
CA CYS B 209 16.92 3.23 22.49
C CYS B 209 17.51 3.72 23.79
N ASP B 210 18.82 3.58 23.99
CA ASP B 210 19.48 4.11 25.17
C ASP B 210 19.82 5.59 25.05
N ALA B 211 19.22 6.28 24.08
CA ALA B 211 19.47 7.71 23.84
C ALA B 211 20.95 7.98 23.58
N SER B 212 21.61 7.08 22.84
CA SER B 212 23.01 7.23 22.51
C SER B 212 23.26 6.78 21.09
N ALA B 213 24.13 7.51 20.39
CA ALA B 213 24.55 7.17 19.04
C ALA B 213 26.02 6.80 19.07
N LYS B 214 26.38 5.77 18.31
CA LYS B 214 27.75 5.26 18.30
C LYS B 214 28.25 5.15 16.86
N LEU B 215 29.48 5.60 16.65
CA LEU B 215 30.15 5.49 15.36
C LEU B 215 31.03 4.25 15.36
N TRP B 216 30.91 3.43 14.33
CA TRP B 216 31.57 2.13 14.27
C TRP B 216 32.53 2.07 13.09
N ASP B 217 33.57 1.26 13.24
CA ASP B 217 34.52 0.98 12.17
C ASP B 217 34.15 -0.35 11.54
N VAL B 218 33.85 -0.33 10.24
CA VAL B 218 33.39 -1.54 9.56
C VAL B 218 34.51 -2.56 9.47
N ARG B 219 35.74 -2.11 9.24
CA ARG B 219 36.86 -3.03 9.08
C ARG B 219 37.20 -3.73 10.39
N GLU B 220 37.58 -2.96 11.41
CA GLU B 220 38.01 -3.56 12.67
C GLU B 220 36.84 -4.14 13.44
N GLY B 221 35.74 -3.42 13.52
CA GLY B 221 34.55 -3.92 14.19
C GLY B 221 34.43 -3.47 15.63
N MET B 222 34.83 -2.24 15.90
CA MET B 222 34.77 -1.69 17.25
C MET B 222 34.19 -0.28 17.21
N CYS B 223 33.61 0.13 18.32
CA CYS B 223 33.05 1.48 18.43
C CYS B 223 34.17 2.51 18.45
N ARG B 224 33.96 3.61 17.74
CA ARG B 224 34.91 4.71 17.70
C ARG B 224 34.54 5.84 18.63
N GLN B 225 33.32 6.37 18.52
CA GLN B 225 32.83 7.43 19.38
C GLN B 225 31.43 7.11 19.85
N THR B 226 31.05 7.71 20.97
CA THR B 226 29.69 7.60 21.50
C THR B 226 29.16 9.00 21.78
N PHE B 227 27.96 9.28 21.29
CA PHE B 227 27.34 10.59 21.41
C PHE B 227 26.09 10.47 22.26
N THR B 228 26.00 11.30 23.31
CA THR B 228 24.92 11.22 24.28
C THR B 228 24.41 12.64 24.55
N GLY B 229 23.36 13.04 23.85
CA GLY B 229 22.75 14.33 24.10
C GLY B 229 21.23 14.29 24.15
N HIS B 230 20.64 13.15 23.81
CA HIS B 230 19.19 13.05 23.71
C HIS B 230 18.59 12.64 25.05
N GLU B 231 17.27 12.81 25.15
CA GLU B 231 16.54 12.48 26.36
C GLU B 231 15.71 11.20 26.24
N SER B 232 15.41 10.75 25.03
CA SER B 232 14.58 9.57 24.81
C SER B 232 15.23 8.74 23.70
N ASP B 233 14.49 7.73 23.25
CA ASP B 233 15.01 6.82 22.23
C ASP B 233 15.29 7.56 20.94
N ILE B 234 16.39 7.21 20.30
CA ILE B 234 16.75 7.74 18.98
C ILE B 234 16.06 6.88 17.93
N ASN B 235 15.19 7.49 17.13
CA ASN B 235 14.39 6.76 16.15
C ASN B 235 15.01 6.74 14.77
N ALA B 236 15.65 7.83 14.35
CA ALA B 236 16.23 7.94 13.02
C ALA B 236 17.62 8.54 13.12
N ILE B 237 18.48 8.12 12.20
CA ILE B 237 19.84 8.66 12.09
C ILE B 237 20.18 8.78 10.61
N CYS B 238 20.89 9.84 10.25
CA CYS B 238 21.25 10.11 8.87
C CYS B 238 22.64 10.73 8.84
N PHE B 239 23.34 10.54 7.73
CA PHE B 239 24.70 11.02 7.58
C PHE B 239 24.72 12.26 6.70
N PHE B 240 25.43 13.29 7.15
CA PHE B 240 25.62 14.48 6.33
C PHE B 240 26.40 14.11 5.07
N PRO B 241 26.10 14.74 3.93
CA PRO B 241 26.82 14.37 2.69
C PRO B 241 28.33 14.55 2.78
N ASN B 242 28.79 15.44 3.66
CA ASN B 242 30.23 15.58 3.88
C ASN B 242 30.84 14.29 4.40
N GLY B 243 30.15 13.63 5.34
CA GLY B 243 30.64 12.43 5.97
C GLY B 243 31.24 12.64 7.35
N ASN B 244 31.36 13.88 7.80
CA ASN B 244 31.90 14.20 9.12
C ASN B 244 30.83 14.70 10.09
N ALA B 245 29.57 14.39 9.82
CA ALA B 245 28.48 14.81 10.68
C ALA B 245 27.31 13.86 10.49
N PHE B 246 26.39 13.88 11.44
CA PHE B 246 25.17 13.09 11.32
C PHE B 246 24.08 13.72 12.18
N ALA B 247 22.84 13.47 11.79
CA ALA B 247 21.67 14.01 12.48
C ALA B 247 20.83 12.89 13.06
N THR B 248 20.27 13.12 14.24
CA THR B 248 19.48 12.13 14.96
C THR B 248 18.05 12.64 15.14
N GLY B 249 17.09 11.72 15.05
CA GLY B 249 15.71 12.05 15.30
C GLY B 249 15.14 11.20 16.42
N SER B 250 14.81 11.82 17.55
CA SER B 250 14.50 11.11 18.76
C SER B 250 13.03 11.25 19.13
N ASP B 251 12.64 10.59 20.22
CA ASP B 251 11.24 10.56 20.66
C ASP B 251 10.83 11.78 21.48
N ASP B 252 11.78 12.63 21.89
CA ASP B 252 11.46 13.84 22.61
C ASP B 252 11.23 15.03 21.69
N ALA B 253 10.83 14.78 20.44
CA ALA B 253 10.49 15.83 19.47
C ALA B 253 11.66 16.77 19.19
N THR B 254 12.89 16.26 19.28
CA THR B 254 14.08 17.06 19.08
C THR B 254 15.04 16.35 18.14
N CYS B 255 15.47 17.04 17.09
CA CYS B 255 16.57 16.60 16.24
C CYS B 255 17.86 17.26 16.71
N ARG B 256 18.97 16.56 16.54
CA ARG B 256 20.26 17.07 16.95
C ARG B 256 21.29 16.75 15.87
N LEU B 257 22.31 17.60 15.78
CA LEU B 257 23.40 17.43 14.83
C LEU B 257 24.70 17.23 15.59
N PHE B 258 25.41 16.17 15.26
CA PHE B 258 26.70 15.84 15.87
C PHE B 258 27.80 15.92 14.84
N ASP B 259 28.99 16.32 15.30
CA ASP B 259 30.18 16.40 14.46
C ASP B 259 31.16 15.32 14.89
N LEU B 260 31.60 14.51 13.92
CA LEU B 260 32.52 13.42 14.24
C LEU B 260 33.86 13.94 14.73
N ARG B 261 34.38 15.00 14.09
CA ARG B 261 35.67 15.54 14.49
C ARG B 261 35.58 16.25 15.84
N ALA B 262 34.55 17.08 16.03
CA ALA B 262 34.39 17.78 17.30
C ALA B 262 33.91 16.85 18.40
N ASP B 263 33.31 15.71 18.06
CA ASP B 263 32.85 14.71 19.03
C ASP B 263 31.88 15.30 20.03
N GLN B 264 30.96 16.15 19.55
CA GLN B 264 29.92 16.70 20.42
C GLN B 264 28.79 17.22 19.55
N GLU B 265 27.65 17.46 20.19
CA GLU B 265 26.49 17.98 19.49
C GLU B 265 26.75 19.40 19.01
N LEU B 266 26.28 19.71 17.81
CA LEU B 266 26.49 21.02 17.20
C LEU B 266 25.29 21.94 17.35
N MET B 267 24.09 21.47 17.02
CA MET B 267 22.94 22.37 17.02
C MET B 267 21.66 21.53 17.11
N THR B 268 20.64 22.10 17.72
CA THR B 268 19.41 21.39 18.07
C THR B 268 18.24 21.91 17.22
N TYR B 269 17.45 20.99 16.68
CA TYR B 269 16.32 21.30 15.81
C TYR B 269 15.04 20.90 16.51
N SER B 270 14.42 21.87 17.20
CA SER B 270 13.18 21.60 17.94
C SER B 270 12.34 22.88 17.99
N HIS B 271 11.05 22.68 18.22
CA HIS B 271 10.11 23.79 18.36
C HIS B 271 9.14 23.49 19.50
N ASP B 272 8.60 24.56 20.08
CA ASP B 272 7.75 24.41 21.27
C ASP B 272 6.42 23.73 20.92
N ASN B 273 5.86 24.03 19.76
CA ASN B 273 4.55 23.49 19.39
C ASN B 273 4.62 22.06 18.86
N ILE B 274 5.81 21.51 18.68
CA ILE B 274 5.98 20.12 18.28
C ILE B 274 6.31 19.29 19.51
N ILE B 275 5.40 18.38 19.89
CA ILE B 275 5.58 17.51 21.03
C ILE B 275 5.56 16.04 20.62
N CYS B 276 5.66 15.76 19.32
CA CYS B 276 5.63 14.41 18.79
C CYS B 276 7.02 13.98 18.35
N GLY B 277 7.33 12.71 18.53
CA GLY B 277 8.66 12.23 18.18
C GLY B 277 8.89 12.22 16.68
N ILE B 278 10.17 12.22 16.32
CA ILE B 278 10.59 12.16 14.93
C ILE B 278 10.72 10.70 14.52
N THR B 279 10.11 10.35 13.38
CA THR B 279 10.12 8.97 12.89
C THR B 279 11.18 8.73 11.83
N SER B 280 11.54 9.74 11.07
CA SER B 280 12.52 9.61 9.99
C SER B 280 13.21 10.95 9.78
N VAL B 281 14.50 10.88 9.45
CA VAL B 281 15.26 12.08 9.11
C VAL B 281 15.99 11.83 7.79
N SER B 282 16.27 12.92 7.08
CA SER B 282 17.04 12.85 5.85
C SER B 282 17.60 14.23 5.55
N PHE B 283 18.62 14.25 4.69
CA PHE B 283 19.32 15.48 4.33
C PHE B 283 19.12 15.78 2.86
N SER B 284 19.21 17.06 2.52
CA SER B 284 19.23 17.45 1.12
C SER B 284 20.57 17.07 0.49
N LYS B 285 20.68 17.27 -0.82
CA LYS B 285 21.90 16.89 -1.53
C LYS B 285 23.10 17.69 -1.04
N SER B 286 22.91 18.99 -0.82
CA SER B 286 23.99 19.85 -0.34
C SER B 286 24.14 19.84 1.17
N GLY B 287 23.22 19.21 1.88
CA GLY B 287 23.22 19.27 3.33
C GLY B 287 22.64 20.54 3.91
N ARG B 288 22.05 21.39 3.09
CA ARG B 288 21.47 22.64 3.58
C ARG B 288 20.14 22.42 4.28
N LEU B 289 19.34 21.47 3.82
CA LEU B 289 18.02 21.22 4.37
C LEU B 289 17.99 19.87 5.05
N LEU B 290 17.58 19.86 6.32
CA LEU B 290 17.36 18.64 7.07
C LEU B 290 15.87 18.36 7.10
N LEU B 291 15.45 17.25 6.52
CA LEU B 291 14.04 16.88 6.43
C LEU B 291 13.75 15.81 7.48
N ALA B 292 12.68 16.01 8.24
CA ALA B 292 12.32 15.11 9.32
C ALA B 292 10.84 14.76 9.24
N GLY B 293 10.53 13.48 9.34
CA GLY B 293 9.15 13.03 9.45
C GLY B 293 8.74 12.91 10.90
N TYR B 294 7.51 13.31 11.20
CA TYR B 294 7.05 13.40 12.58
C TYR B 294 5.82 12.54 12.80
N ASP B 295 5.42 12.45 14.07
CA ASP B 295 4.22 11.73 14.46
C ASP B 295 2.95 12.54 14.27
N ASP B 296 3.05 13.85 14.04
CA ASP B 296 1.88 14.72 13.92
C ASP B 296 1.37 14.79 12.49
N PHE B 297 1.59 13.74 11.70
CA PHE B 297 1.00 13.48 10.39
C PHE B 297 1.69 14.25 9.26
N ASN B 298 2.66 15.13 9.55
CA ASN B 298 3.31 15.89 8.51
C ASN B 298 4.82 15.83 8.68
N CYS B 299 5.53 16.07 7.58
CA CYS B 299 6.98 16.08 7.56
C CYS B 299 7.48 17.52 7.60
N ASN B 300 8.46 17.78 8.45
CA ASN B 300 9.02 19.11 8.61
C ASN B 300 10.32 19.23 7.82
N VAL B 301 10.60 20.44 7.36
CA VAL B 301 11.83 20.76 6.63
C VAL B 301 12.59 21.79 7.46
N TRP B 302 13.76 21.41 7.95
CA TRP B 302 14.59 22.27 8.76
C TRP B 302 15.79 22.74 7.95
N ASP B 303 16.24 23.96 8.24
CA ASP B 303 17.49 24.46 7.69
C ASP B 303 18.61 24.10 8.65
N ALA B 304 19.52 23.23 8.20
CA ALA B 304 20.48 22.61 9.10
C ALA B 304 21.41 23.64 9.72
N LEU B 305 21.77 24.68 8.97
CA LEU B 305 22.76 25.64 9.45
C LEU B 305 22.18 26.57 10.51
N LYS B 306 20.88 26.86 10.45
CA LYS B 306 20.27 27.84 11.35
C LYS B 306 19.14 27.29 12.22
N ALA B 307 18.69 26.07 11.99
CA ALA B 307 17.58 25.47 12.75
C ALA B 307 16.32 26.32 12.68
N ASP B 308 15.88 26.56 11.46
CA ASP B 308 14.61 27.21 11.19
C ASP B 308 13.69 26.24 10.47
N ARG B 309 12.39 26.39 10.71
CA ARG B 309 11.39 25.59 10.00
C ARG B 309 11.19 26.22 8.63
N ALA B 310 11.96 25.76 7.65
CA ALA B 310 11.89 26.30 6.31
C ALA B 310 10.56 25.97 5.65
N GLY B 311 10.03 24.77 5.89
CA GLY B 311 8.77 24.39 5.27
C GLY B 311 8.20 23.16 5.94
N VAL B 312 6.97 22.84 5.56
CA VAL B 312 6.23 21.70 6.08
C VAL B 312 5.69 20.91 4.90
N LEU B 313 5.90 19.60 4.91
CA LEU B 313 5.35 18.72 3.89
C LEU B 313 4.05 18.09 4.36
N ALA B 314 3.06 18.95 4.59
CA ALA B 314 1.74 18.47 4.97
C ALA B 314 1.03 17.85 3.77
N GLY B 315 0.20 16.86 4.03
CA GLY B 315 -0.46 16.14 2.97
C GLY B 315 -0.68 14.66 3.27
N HIS B 316 -0.15 14.19 4.39
CA HIS B 316 -0.35 12.82 4.82
C HIS B 316 -1.39 12.78 5.93
N ASP B 317 -2.27 11.78 5.87
CA ASP B 317 -3.38 11.65 6.79
C ASP B 317 -3.05 10.76 7.99
N ASN B 318 -1.79 10.38 8.16
CA ASN B 318 -1.37 9.58 9.30
C ASN B 318 0.11 9.84 9.53
N ARG B 319 0.69 9.11 10.48
CA ARG B 319 2.09 9.32 10.86
C ARG B 319 3.01 9.07 9.67
N VAL B 320 3.94 10.00 9.45
CA VAL B 320 4.94 9.86 8.39
C VAL B 320 6.06 8.98 8.91
N SER B 321 6.15 7.76 8.39
CA SER B 321 7.09 6.78 8.93
C SER B 321 8.44 6.79 8.21
N CYS B 322 8.45 6.97 6.89
CA CYS B 322 9.68 6.91 6.12
C CYS B 322 9.84 8.19 5.32
N LEU B 323 11.07 8.44 4.90
CA LEU B 323 11.44 9.70 4.26
C LEU B 323 12.81 9.58 3.60
N GLY B 324 12.89 9.88 2.31
CA GLY B 324 14.14 9.73 1.60
C GLY B 324 14.29 10.76 0.50
N VAL B 325 15.53 11.13 0.22
CA VAL B 325 15.87 12.09 -0.83
C VAL B 325 16.68 11.36 -1.89
N THR B 326 16.53 11.79 -3.15
CA THR B 326 17.23 11.17 -4.25
C THR B 326 18.72 11.49 -4.20
N ASP B 327 19.50 10.71 -4.94
CA ASP B 327 20.94 10.92 -4.99
C ASP B 327 21.33 12.20 -5.72
N ASP B 328 20.48 12.71 -6.61
CA ASP B 328 20.72 14.00 -7.25
C ASP B 328 19.94 15.12 -6.58
N GLY B 329 19.18 14.83 -5.53
CA GLY B 329 18.46 15.87 -4.82
C GLY B 329 17.26 16.42 -5.56
N MET B 330 16.76 15.70 -6.56
CA MET B 330 15.65 16.24 -7.35
C MET B 330 14.34 16.16 -6.61
N ALA B 331 14.11 15.09 -5.85
CA ALA B 331 12.82 14.85 -5.23
C ALA B 331 12.99 14.33 -3.81
N VAL B 332 11.90 14.38 -3.06
CA VAL B 332 11.79 13.80 -1.72
C VAL B 332 10.55 12.92 -1.71
N ALA B 333 10.70 11.68 -1.25
CA ALA B 333 9.59 10.76 -1.11
C ALA B 333 9.29 10.57 0.38
N THR B 334 8.02 10.63 0.73
CA THR B 334 7.57 10.38 2.10
C THR B 334 6.52 9.29 2.09
N GLY B 335 6.76 8.23 2.86
CA GLY B 335 5.73 7.27 3.16
C GLY B 335 5.05 7.59 4.47
N SER B 336 3.89 7.00 4.67
CA SER B 336 3.10 7.33 5.85
C SER B 336 2.19 6.16 6.18
N TRP B 337 1.63 6.22 7.40
CA TRP B 337 0.74 5.18 7.89
C TRP B 337 -0.61 5.17 7.19
N ASP B 338 -0.92 6.19 6.39
CA ASP B 338 -2.14 6.20 5.60
C ASP B 338 -1.99 5.47 4.26
N SER B 339 -0.94 4.66 4.12
CA SER B 339 -0.74 3.74 2.99
C SER B 339 -0.47 4.46 1.67
N PHE B 340 0.10 5.66 1.73
CA PHE B 340 0.37 6.43 0.52
C PHE B 340 1.80 6.97 0.54
N LEU B 341 2.47 6.85 -0.60
CA LEU B 341 3.76 7.48 -0.83
C LEU B 341 3.56 8.73 -1.68
N LYS B 342 4.33 9.77 -1.38
CA LYS B 342 4.20 11.04 -2.08
C LYS B 342 5.58 11.56 -2.45
N ILE B 343 5.75 11.91 -3.73
CA ILE B 343 6.97 12.52 -4.22
C ILE B 343 6.77 14.02 -4.24
N TRP B 344 7.73 14.76 -3.67
CA TRP B 344 7.63 16.20 -3.54
C TRP B 344 8.80 16.87 -4.26
N ASN B 345 8.53 18.00 -4.90
CA ASN B 345 9.56 18.76 -5.59
C ASN B 345 9.53 20.22 -5.17
N SER C 8 30.03 -9.10 35.43
CA SER C 8 30.19 -8.06 36.43
C SER C 8 31.53 -7.35 36.30
N ILE C 9 32.60 -8.03 36.73
CA ILE C 9 33.94 -7.46 36.63
C ILE C 9 34.35 -7.34 35.17
N ALA C 10 34.05 -8.36 34.36
CA ALA C 10 34.43 -8.33 32.95
C ALA C 10 33.72 -7.21 32.20
N GLN C 11 32.42 -7.01 32.47
CA GLN C 11 31.69 -5.94 31.81
C GLN C 11 32.24 -4.58 32.19
N ALA C 12 32.55 -4.38 33.48
CA ALA C 12 33.10 -3.10 33.92
C ALA C 12 34.48 -2.86 33.30
N ARG C 13 35.31 -3.90 33.22
CA ARG C 13 36.62 -3.76 32.58
C ARG C 13 36.48 -3.41 31.10
N LYS C 14 35.54 -4.05 30.41
CA LYS C 14 35.31 -3.73 29.01
C LYS C 14 34.83 -2.30 28.84
N LEU C 15 33.94 -1.85 29.71
CA LEU C 15 33.47 -0.47 29.64
C LEU C 15 34.60 0.52 29.90
N VAL C 16 35.47 0.21 30.87
CA VAL C 16 36.62 1.07 31.15
C VAL C 16 37.55 1.13 29.95
N GLU C 17 37.82 -0.02 29.33
CA GLU C 17 38.69 -0.05 28.15
C GLU C 17 38.08 0.75 27.00
N GLN C 18 36.77 0.62 26.78
CA GLN C 18 36.12 1.37 25.73
C GLN C 18 36.17 2.87 26.00
N LEU C 19 35.95 3.26 27.26
CA LEU C 19 36.05 4.68 27.63
C LEU C 19 37.46 5.21 27.41
N LYS C 20 38.48 4.41 27.76
CA LYS C 20 39.86 4.82 27.52
C LYS C 20 40.15 4.96 26.03
N MET C 21 39.65 4.02 25.22
CA MET C 21 39.85 4.10 23.78
C MET C 21 39.19 5.34 23.19
N GLU C 22 37.98 5.67 23.64
CA GLU C 22 37.30 6.85 23.15
C GLU C 22 37.85 8.15 23.74
N ALA C 23 38.61 8.06 24.84
CA ALA C 23 39.13 9.27 25.47
C ALA C 23 40.28 9.88 24.67
N ASN C 24 41.18 9.04 24.17
CA ASN C 24 42.35 9.52 23.43
C ASN C 24 42.03 9.66 21.94
N ILE C 25 41.11 10.56 21.64
CA ILE C 25 40.66 10.83 20.29
C ILE C 25 40.88 12.31 20.00
N ASP C 26 41.52 12.60 18.87
CA ASP C 26 41.79 13.98 18.50
C ASP C 26 40.48 14.73 18.25
N ARG C 27 40.40 15.96 18.75
CA ARG C 27 39.23 16.80 18.58
C ARG C 27 39.66 18.16 18.06
N ILE C 28 38.91 18.68 17.09
CA ILE C 28 39.13 20.00 16.57
C ILE C 28 38.12 20.95 17.19
N LYS C 29 38.35 22.25 17.03
CA LYS C 29 37.45 23.24 17.59
C LYS C 29 36.07 23.17 16.93
N VAL C 30 35.04 23.47 17.72
CA VAL C 30 33.68 23.47 17.19
C VAL C 30 33.53 24.53 16.11
N SER C 31 34.21 25.67 16.28
CA SER C 31 34.15 26.72 15.26
C SER C 31 34.68 26.22 13.92
N LYS C 32 35.78 25.47 13.94
CA LYS C 32 36.34 24.95 12.69
C LYS C 32 35.40 23.97 12.02
N ALA C 33 34.79 23.06 12.80
CA ALA C 33 33.86 22.11 12.24
C ALA C 33 32.61 22.80 11.67
N ALA C 34 32.10 23.80 12.38
CA ALA C 34 30.96 24.56 11.88
C ALA C 34 31.32 25.29 10.59
N ALA C 35 32.52 25.87 10.52
CA ALA C 35 32.96 26.53 9.30
C ALA C 35 33.07 25.55 8.15
N ASP C 36 33.56 24.33 8.44
CA ASP C 36 33.65 23.32 7.39
C ASP C 36 32.27 22.91 6.89
N LEU C 37 31.31 22.75 7.81
CA LEU C 37 29.95 22.39 7.41
C LEU C 37 29.33 23.50 6.57
N MET C 38 29.51 24.76 6.99
CA MET C 38 28.99 25.89 6.22
C MET C 38 29.65 25.96 4.84
N ALA C 39 30.95 25.71 4.77
CA ALA C 39 31.65 25.73 3.48
C ALA C 39 31.13 24.64 2.56
N TYR C 40 30.91 23.43 3.10
CA TYR C 40 30.36 22.36 2.27
C TYR C 40 28.96 22.72 1.79
N CYS C 41 28.13 23.29 2.65
CA CYS C 41 26.78 23.65 2.26
C CYS C 41 26.79 24.73 1.18
N GLU C 42 27.69 25.70 1.30
CA GLU C 42 27.73 26.79 0.32
C GLU C 42 28.35 26.36 -0.99
N ALA C 43 29.26 25.38 -0.97
CA ALA C 43 29.93 24.96 -2.20
C ALA C 43 29.04 24.12 -3.10
N HIS C 44 27.96 23.55 -2.56
CA HIS C 44 27.06 22.70 -3.34
C HIS C 44 25.65 23.27 -3.40
N ALA C 45 25.49 24.58 -3.16
CA ALA C 45 24.15 25.17 -3.15
C ALA C 45 23.55 25.26 -4.54
N LYS C 46 24.39 25.37 -5.58
CA LYS C 46 23.87 25.46 -6.93
C LYS C 46 23.20 24.16 -7.38
N GLU C 47 23.82 23.03 -7.07
CA GLU C 47 23.31 21.73 -7.49
C GLU C 47 22.41 21.09 -6.44
N ASP C 48 21.43 21.85 -5.95
CA ASP C 48 20.47 21.38 -4.95
C ASP C 48 19.07 21.74 -5.43
N PRO C 49 18.42 20.84 -6.18
CA PRO C 49 17.10 21.17 -6.74
C PRO C 49 16.05 21.55 -5.71
N LEU C 50 16.07 20.92 -4.53
CA LEU C 50 15.09 21.26 -3.50
C LEU C 50 15.39 22.64 -2.90
N LEU C 51 16.67 22.94 -2.71
CA LEU C 51 17.04 24.27 -2.23
C LEU C 51 16.66 25.35 -3.22
N THR C 52 17.08 25.19 -4.48
CA THR C 52 16.78 26.14 -5.54
C THR C 52 15.89 25.46 -6.57
N PRO C 53 14.60 25.78 -6.63
CA PRO C 53 13.70 25.08 -7.54
C PRO C 53 14.16 25.17 -8.99
N VAL C 54 14.07 24.05 -9.70
CA VAL C 54 14.50 23.96 -11.09
C VAL C 54 13.34 24.36 -11.99
N PRO C 55 13.61 24.89 -13.19
CA PRO C 55 12.51 25.16 -14.13
C PRO C 55 11.81 23.88 -14.54
N ALA C 56 10.51 24.00 -14.80
CA ALA C 56 9.69 22.83 -15.09
C ALA C 56 10.15 22.09 -16.33
N SER C 57 10.90 22.74 -17.22
CA SER C 57 11.44 22.05 -18.38
C SER C 57 12.46 20.99 -17.97
N GLU C 58 13.27 21.29 -16.95
CA GLU C 58 14.30 20.39 -16.46
C GLU C 58 13.84 19.61 -15.23
N ASN C 59 12.54 19.54 -14.99
CA ASN C 59 12.00 18.85 -13.82
C ASN C 59 11.40 17.52 -14.25
N PRO C 60 12.01 16.39 -13.91
CA PRO C 60 11.43 15.09 -14.28
C PRO C 60 10.08 14.81 -13.65
N PHE C 61 9.72 15.50 -12.58
CA PHE C 61 8.43 15.35 -11.92
C PHE C 61 7.62 16.62 -12.19
N ARG C 62 6.90 16.62 -13.31
CA ARG C 62 6.10 17.79 -13.68
C ARG C 62 4.75 17.37 -14.25
N ALA D 10 -54.95 32.05 -0.08
CA ALA D 10 -53.68 32.04 -0.79
C ALA D 10 -53.07 30.64 -0.78
N ILE D 11 -53.92 29.62 -0.94
CA ILE D 11 -53.43 28.24 -0.96
C ILE D 11 -52.45 27.99 -2.11
N PRO D 12 -52.73 28.41 -3.36
CA PRO D 12 -51.71 28.23 -4.40
C PRO D 12 -50.40 28.93 -4.10
N VAL D 13 -50.46 30.12 -3.49
CA VAL D 13 -49.24 30.82 -3.12
C VAL D 13 -48.44 30.02 -2.10
N ILE D 14 -49.13 29.46 -1.10
CA ILE D 14 -48.46 28.66 -0.08
C ILE D 14 -47.84 27.41 -0.71
N ILE D 15 -48.57 26.77 -1.62
CA ILE D 15 -48.06 25.56 -2.27
C ILE D 15 -46.83 25.88 -3.11
N THR D 16 -46.87 27.00 -3.86
CA THR D 16 -45.71 27.38 -4.66
C THR D 16 -44.52 27.71 -3.77
N ALA D 17 -44.76 28.39 -2.64
CA ALA D 17 -43.67 28.68 -1.72
C ALA D 17 -43.08 27.39 -1.15
N VAL D 18 -43.94 26.41 -0.84
CA VAL D 18 -43.46 25.13 -0.34
C VAL D 18 -42.63 24.42 -1.40
N TYR D 19 -43.08 24.46 -2.65
CA TYR D 19 -42.33 23.84 -3.74
C TYR D 19 -40.95 24.48 -3.89
N SER D 20 -40.91 25.82 -3.87
CA SER D 20 -39.63 26.51 -3.99
C SER D 20 -38.70 26.18 -2.82
N VAL D 21 -39.25 26.17 -1.61
CA VAL D 21 -38.44 25.91 -0.42
C VAL D 21 -37.88 24.49 -0.47
N VAL D 22 -38.71 23.51 -0.83
CA VAL D 22 -38.23 22.14 -0.87
C VAL D 22 -37.24 21.94 -2.02
N PHE D 23 -37.43 22.62 -3.15
CA PHE D 23 -36.46 22.51 -4.23
C PHE D 23 -35.11 23.06 -3.80
N VAL D 24 -35.10 24.23 -3.15
CA VAL D 24 -33.86 24.82 -2.68
C VAL D 24 -33.20 23.92 -1.65
N VAL D 25 -33.99 23.40 -0.71
CA VAL D 25 -33.45 22.55 0.34
C VAL D 25 -32.85 21.27 -0.24
N GLY D 26 -33.56 20.66 -1.19
CA GLY D 26 -33.05 19.44 -1.81
C GLY D 26 -31.79 19.67 -2.60
N LEU D 27 -31.74 20.75 -3.39
CA LEU D 27 -30.53 21.05 -4.14
C LEU D 27 -29.35 21.29 -3.19
N VAL D 28 -29.57 22.07 -2.13
CA VAL D 28 -28.50 22.37 -1.19
C VAL D 28 -28.03 21.09 -0.49
N GLY D 29 -28.97 20.25 -0.05
CA GLY D 29 -28.60 19.03 0.64
C GLY D 29 -27.86 18.06 -0.25
N ASN D 30 -28.31 17.89 -1.49
CA ASN D 30 -27.62 17.00 -2.41
C ASN D 30 -26.23 17.52 -2.74
N SER D 31 -26.10 18.83 -2.94
CA SER D 31 -24.79 19.41 -3.20
C SER D 31 -23.85 19.20 -2.01
N LEU D 32 -24.35 19.42 -0.80
CA LEU D 32 -23.52 19.23 0.38
C LEU D 32 -23.10 17.77 0.55
N VAL D 33 -24.04 16.83 0.34
CA VAL D 33 -23.72 15.42 0.47
C VAL D 33 -22.68 15.01 -0.56
N MET D 34 -22.83 15.46 -1.81
CA MET D 34 -21.85 15.16 -2.83
C MET D 34 -20.50 15.76 -2.48
N PHE D 35 -20.49 16.98 -1.93
CA PHE D 35 -19.23 17.60 -1.53
C PHE D 35 -18.52 16.80 -0.44
N VAL D 36 -19.27 16.35 0.57
CA VAL D 36 -18.66 15.54 1.63
C VAL D 36 -18.15 14.22 1.08
N ILE D 37 -18.91 13.58 0.18
CA ILE D 37 -18.49 12.30 -0.37
C ILE D 37 -17.24 12.47 -1.24
N ILE D 38 -17.13 13.59 -1.96
CA ILE D 38 -16.02 13.76 -2.88
C ILE D 38 -14.76 14.30 -2.19
N ARG D 39 -14.91 15.08 -1.12
CA ARG D 39 -13.78 15.76 -0.51
C ARG D 39 -13.49 15.28 0.91
N TYR D 40 -14.47 15.35 1.81
CA TYR D 40 -14.19 15.10 3.23
C TYR D 40 -13.90 13.62 3.48
N THR D 41 -14.86 12.75 3.19
CA THR D 41 -14.72 11.31 3.41
C THR D 41 -14.68 10.62 2.06
N LYS D 42 -13.62 9.84 1.83
CA LYS D 42 -13.47 9.14 0.55
C LYS D 42 -14.51 8.05 0.40
N MET D 43 -14.94 7.83 -0.85
CA MET D 43 -15.93 6.81 -1.17
C MET D 43 -15.24 5.47 -1.40
N LYS D 44 -14.71 4.92 -0.31
CA LYS D 44 -14.06 3.62 -0.34
C LYS D 44 -14.92 2.49 0.23
N THR D 45 -15.87 2.82 1.09
CA THR D 45 -16.76 1.83 1.67
C THR D 45 -18.06 1.75 0.86
N ALA D 46 -18.80 0.65 1.07
CA ALA D 46 -20.06 0.47 0.38
C ALA D 46 -21.07 1.54 0.77
N THR D 47 -21.08 1.93 2.05
CA THR D 47 -22.04 2.90 2.53
C THR D 47 -21.90 4.23 1.81
N ASN D 48 -20.66 4.67 1.59
CA ASN D 48 -20.44 5.93 0.90
C ASN D 48 -20.91 5.87 -0.56
N ILE D 49 -20.70 4.73 -1.22
CA ILE D 49 -21.16 4.57 -2.59
C ILE D 49 -22.69 4.64 -2.64
N TYR D 50 -23.35 3.94 -1.71
CA TYR D 50 -24.81 3.99 -1.67
C TYR D 50 -25.31 5.40 -1.40
N ILE D 51 -24.64 6.11 -0.48
CA ILE D 51 -25.04 7.48 -0.15
C ILE D 51 -24.89 8.37 -1.38
N PHE D 52 -23.78 8.23 -2.11
CA PHE D 52 -23.55 9.04 -3.30
C PHE D 52 -24.62 8.78 -4.35
N ASN D 53 -24.96 7.50 -4.59
CA ASN D 53 -25.97 7.18 -5.59
C ASN D 53 -27.34 7.72 -5.19
N LEU D 54 -27.71 7.57 -3.91
CA LEU D 54 -28.98 8.10 -3.45
C LEU D 54 -29.03 9.62 -3.58
N ALA D 55 -27.92 10.29 -3.25
CA ALA D 55 -27.88 11.75 -3.37
C ALA D 55 -28.02 12.18 -4.82
N LEU D 56 -27.37 11.48 -5.75
CA LEU D 56 -27.51 11.81 -7.16
C LEU D 56 -28.95 11.65 -7.63
N ALA D 57 -29.59 10.53 -7.24
CA ALA D 57 -30.98 10.32 -7.63
C ALA D 57 -31.89 11.40 -7.07
N ASP D 58 -31.68 11.77 -5.80
CA ASP D 58 -32.50 12.81 -5.19
C ASP D 58 -32.28 14.16 -5.87
N ALA D 59 -31.03 14.47 -6.23
CA ALA D 59 -30.75 15.72 -6.94
C ALA D 59 -31.45 15.76 -8.29
N LEU D 60 -31.41 14.64 -9.02
CA LEU D 60 -32.10 14.61 -10.31
C LEU D 60 -33.61 14.78 -10.15
N VAL D 61 -34.19 14.14 -9.13
CA VAL D 61 -35.62 14.31 -8.88
C VAL D 61 -35.95 15.76 -8.55
N THR D 62 -35.12 16.40 -7.72
CA THR D 62 -35.36 17.79 -7.35
C THR D 62 -35.27 18.70 -8.57
N THR D 63 -34.31 18.43 -9.47
CA THR D 63 -34.24 19.21 -10.70
C THR D 63 -35.45 18.96 -11.60
N THR D 64 -36.04 17.76 -11.52
CA THR D 64 -37.26 17.49 -12.27
C THR D 64 -38.44 18.29 -11.73
N MET D 65 -38.47 18.49 -10.41
CA MET D 65 -39.64 19.10 -9.75
C MET D 65 -40.12 20.43 -10.34
N PRO D 66 -39.26 21.38 -10.74
CA PRO D 66 -39.78 22.67 -11.24
C PRO D 66 -40.74 22.55 -12.41
N PHE D 67 -40.63 21.50 -13.24
CA PHE D 67 -41.62 21.30 -14.28
C PHE D 67 -42.99 21.04 -13.70
N GLN D 68 -43.07 20.22 -12.64
CA GLN D 68 -44.33 20.01 -11.94
C GLN D 68 -44.84 21.30 -11.32
N SER D 69 -43.93 22.12 -10.77
CA SER D 69 -44.34 23.40 -10.22
C SER D 69 -44.96 24.29 -11.29
N THR D 70 -44.33 24.35 -12.46
CA THR D 70 -44.87 25.14 -13.56
C THR D 70 -46.23 24.62 -14.01
N VAL D 71 -46.37 23.29 -14.09
CA VAL D 71 -47.65 22.70 -14.49
C VAL D 71 -48.74 23.09 -13.50
N TYR D 72 -48.44 23.05 -12.21
CA TYR D 72 -49.42 23.49 -11.23
C TYR D 72 -49.75 24.97 -11.40
N LEU D 73 -48.72 25.79 -11.65
CA LEU D 73 -48.94 27.23 -11.73
C LEU D 73 -49.83 27.61 -12.91
N MET D 74 -49.59 27.00 -14.08
CA MET D 74 -50.26 27.43 -15.30
C MET D 74 -51.28 26.44 -15.84
N ASN D 75 -51.34 25.22 -15.30
CA ASN D 75 -52.30 24.20 -15.73
C ASN D 75 -52.16 23.86 -17.20
N SER D 76 -50.94 23.91 -17.73
CA SER D 76 -50.69 23.58 -19.13
C SER D 76 -49.23 23.21 -19.28
N TRP D 77 -48.91 22.54 -20.40
CA TRP D 77 -47.55 22.14 -20.69
C TRP D 77 -47.04 22.87 -21.93
N PRO D 78 -46.24 23.91 -21.78
CA PRO D 78 -45.71 24.64 -22.94
C PRO D 78 -44.35 24.17 -23.42
N PHE D 79 -43.72 23.21 -22.73
CA PHE D 79 -42.38 22.78 -23.09
C PHE D 79 -42.34 21.90 -24.34
N GLY D 80 -43.48 21.39 -24.79
CA GLY D 80 -43.53 20.56 -25.97
C GLY D 80 -43.28 19.09 -25.68
N ASP D 81 -43.51 18.27 -26.71
CA ASP D 81 -43.36 16.83 -26.55
C ASP D 81 -41.91 16.43 -26.32
N VAL D 82 -40.97 17.13 -26.97
CA VAL D 82 -39.56 16.77 -26.84
C VAL D 82 -39.10 16.88 -25.39
N LEU D 83 -39.49 17.97 -24.72
CA LEU D 83 -39.16 18.11 -23.30
C LEU D 83 -40.05 17.26 -22.42
N CYS D 84 -41.31 17.04 -22.80
CA CYS D 84 -42.23 16.26 -21.98
C CYS D 84 -41.76 14.82 -21.83
N LYS D 85 -41.35 14.20 -22.94
CA LYS D 85 -40.88 12.82 -22.89
C LYS D 85 -39.66 12.70 -21.99
N ILE D 86 -38.69 13.61 -22.16
CA ILE D 86 -37.46 13.55 -21.37
C ILE D 86 -37.77 13.75 -19.89
N VAL D 87 -38.61 14.73 -19.57
CA VAL D 87 -38.93 15.02 -18.17
C VAL D 87 -39.63 13.82 -17.53
N LEU D 88 -40.62 13.25 -18.23
CA LEU D 88 -41.35 12.12 -17.68
C LEU D 88 -40.44 10.92 -17.48
N SER D 89 -39.60 10.62 -18.47
CA SER D 89 -38.70 9.48 -18.36
C SER D 89 -37.72 9.65 -17.21
N ILE D 90 -37.11 10.84 -17.11
CA ILE D 90 -36.12 11.06 -16.05
C ILE D 90 -36.79 11.05 -14.68
N ASP D 91 -38.02 11.57 -14.58
CA ASP D 91 -38.74 11.55 -13.32
C ASP D 91 -39.00 10.12 -12.86
N TYR D 92 -39.58 9.29 -13.72
CA TYR D 92 -39.86 7.91 -13.35
C TYR D 92 -38.58 7.16 -13.02
N TYR D 93 -37.57 7.31 -13.88
CA TYR D 93 -36.33 6.56 -13.70
C TYR D 93 -35.63 6.93 -12.40
N ASN D 94 -35.60 8.22 -12.06
CA ASN D 94 -34.90 8.64 -10.85
C ASN D 94 -35.72 8.35 -9.59
N MET D 95 -37.05 8.40 -9.67
CA MET D 95 -37.86 7.93 -8.54
C MET D 95 -37.54 6.48 -8.22
N PHE D 96 -37.56 5.62 -9.23
CA PHE D 96 -37.24 4.22 -9.00
C PHE D 96 -35.80 4.05 -8.52
N THR D 97 -34.88 4.83 -9.08
CA THR D 97 -33.47 4.74 -8.67
C THR D 97 -33.31 5.06 -7.18
N SER D 98 -33.91 6.17 -6.73
CA SER D 98 -33.76 6.55 -5.33
C SER D 98 -34.40 5.53 -4.40
N ILE D 99 -35.61 5.07 -4.73
CA ILE D 99 -36.29 4.11 -3.86
C ILE D 99 -35.48 2.81 -3.78
N PHE D 100 -35.01 2.31 -4.91
CA PHE D 100 -34.24 1.08 -4.91
C PHE D 100 -32.92 1.24 -4.20
N THR D 101 -32.28 2.40 -4.35
CA THR D 101 -31.00 2.62 -3.68
C THR D 101 -31.16 2.63 -2.17
N LEU D 102 -32.19 3.30 -1.65
CA LEU D 102 -32.36 3.31 -0.20
C LEU D 102 -32.80 1.95 0.32
N THR D 103 -33.60 1.21 -0.45
CA THR D 103 -33.93 -0.16 -0.07
C THR D 103 -32.67 -1.03 -0.02
N MET D 104 -31.77 -0.86 -0.99
CA MET D 104 -30.52 -1.62 -0.98
C MET D 104 -29.63 -1.22 0.18
N MET D 105 -29.64 0.06 0.58
CA MET D 105 -28.92 0.47 1.77
C MET D 105 -29.45 -0.22 3.02
N SER D 106 -30.78 -0.30 3.15
CA SER D 106 -31.37 -1.03 4.28
C SER D 106 -30.95 -2.50 4.27
N VAL D 107 -30.99 -3.12 3.08
CA VAL D 107 -30.59 -4.53 2.98
C VAL D 107 -29.11 -4.69 3.34
N ASP D 108 -28.28 -3.75 2.92
CA ASP D 108 -26.85 -3.81 3.23
C ASP D 108 -26.61 -3.70 4.72
N ARG D 109 -27.32 -2.80 5.41
CA ARG D 109 -27.18 -2.70 6.85
C ARG D 109 -27.65 -3.99 7.55
N TYR D 110 -28.76 -4.56 7.06
CA TYR D 110 -29.23 -5.81 7.64
C TYR D 110 -28.20 -6.93 7.47
N ILE D 111 -27.58 -7.02 6.29
CA ILE D 111 -26.57 -8.04 6.07
C ILE D 111 -25.35 -7.79 6.96
N ALA D 112 -24.98 -6.52 7.14
CA ALA D 112 -23.84 -6.19 7.97
C ALA D 112 -24.05 -6.63 9.41
N VAL D 113 -25.26 -6.42 9.94
CA VAL D 113 -25.50 -6.72 11.35
C VAL D 113 -25.82 -8.20 11.55
N CYS D 114 -26.79 -8.73 10.82
CA CYS D 114 -27.29 -10.08 11.07
C CYS D 114 -26.47 -11.17 10.40
N HIS D 115 -25.62 -10.83 9.44
CA HIS D 115 -24.73 -11.80 8.77
C HIS D 115 -23.33 -11.22 8.74
N PRO D 116 -22.65 -11.17 9.89
CA PRO D 116 -21.34 -10.49 9.93
C PRO D 116 -20.23 -11.26 9.24
N VAL D 117 -20.25 -12.59 9.29
CA VAL D 117 -19.21 -13.37 8.63
C VAL D 117 -19.34 -13.28 7.12
N LYS D 118 -20.56 -13.41 6.61
CA LYS D 118 -20.78 -13.31 5.17
C LYS D 118 -20.57 -11.89 4.66
N ALA D 119 -20.83 -10.88 5.51
CA ALA D 119 -20.65 -9.50 5.09
C ALA D 119 -19.19 -9.16 4.81
N LEU D 120 -18.26 -9.99 5.28
CA LEU D 120 -16.85 -9.74 4.99
C LEU D 120 -16.55 -9.87 3.50
N ASP D 121 -17.11 -10.90 2.85
CA ASP D 121 -16.88 -11.11 1.43
C ASP D 121 -17.99 -10.53 0.56
N PHE D 122 -19.06 -9.99 1.14
CA PHE D 122 -20.15 -9.39 0.38
C PHE D 122 -20.04 -7.87 0.35
N ARG D 123 -19.82 -7.24 1.50
CA ARG D 123 -19.80 -5.78 1.59
C ARG D 123 -18.42 -5.25 1.21
N THR D 124 -18.12 -5.37 -0.08
CA THR D 124 -16.92 -4.84 -0.69
C THR D 124 -17.28 -3.68 -1.62
N PRO D 125 -16.38 -2.70 -1.79
CA PRO D 125 -16.68 -1.60 -2.72
C PRO D 125 -16.95 -2.06 -4.15
N LEU D 126 -16.27 -3.12 -4.61
CA LEU D 126 -16.55 -3.64 -5.94
C LEU D 126 -17.98 -4.18 -6.02
N LYS D 127 -18.41 -4.93 -5.01
CA LYS D 127 -19.78 -5.44 -5.00
C LYS D 127 -20.79 -4.30 -4.90
N ALA D 128 -20.47 -3.27 -4.11
CA ALA D 128 -21.36 -2.12 -4.01
C ALA D 128 -21.51 -1.43 -5.36
N LYS D 129 -20.40 -1.24 -6.07
CA LYS D 129 -20.47 -0.64 -7.40
C LYS D 129 -21.27 -1.50 -8.36
N ILE D 130 -21.09 -2.82 -8.30
CA ILE D 130 -21.84 -3.72 -9.18
C ILE D 130 -23.34 -3.59 -8.90
N ILE D 131 -23.72 -3.58 -7.63
CA ILE D 131 -25.13 -3.49 -7.27
C ILE D 131 -25.71 -2.14 -7.68
N ASN D 132 -24.94 -1.07 -7.51
CA ASN D 132 -25.41 0.26 -7.91
C ASN D 132 -25.61 0.34 -9.42
N ILE D 133 -24.68 -0.24 -10.20
CA ILE D 133 -24.85 -0.25 -11.65
C ILE D 133 -26.05 -1.09 -12.05
N CYS D 134 -26.30 -2.20 -11.34
CA CYS D 134 -27.46 -3.03 -11.64
C CYS D 134 -28.76 -2.27 -11.36
N ILE D 135 -28.80 -1.52 -10.25
CA ILE D 135 -29.96 -0.69 -9.95
C ILE D 135 -30.15 0.37 -11.02
N TRP D 136 -29.04 0.98 -11.46
CA TRP D 136 -29.10 1.99 -12.52
C TRP D 136 -29.69 1.41 -13.79
N LEU D 137 -29.26 0.20 -14.17
CA LEU D 137 -29.80 -0.43 -15.38
C LEU D 137 -31.27 -0.77 -15.21
N LEU D 138 -31.66 -1.31 -14.06
CA LEU D 138 -33.05 -1.68 -13.84
C LEU D 138 -33.96 -0.46 -13.90
N SER D 139 -33.49 0.68 -13.38
CA SER D 139 -34.29 1.89 -13.45
C SER D 139 -34.25 2.53 -14.84
N SER D 140 -33.13 2.39 -15.55
CA SER D 140 -33.07 2.85 -16.93
C SER D 140 -34.02 2.06 -17.81
N SER D 141 -34.34 0.83 -17.43
CA SER D 141 -35.39 0.09 -18.13
C SER D 141 -36.71 0.84 -18.10
N VAL D 142 -37.13 1.29 -16.92
CA VAL D 142 -38.36 2.06 -16.79
C VAL D 142 -38.23 3.40 -17.49
N GLY D 143 -37.06 4.03 -17.40
CA GLY D 143 -36.85 5.29 -18.08
C GLY D 143 -36.99 5.17 -19.59
N ILE D 144 -36.47 4.09 -20.17
CA ILE D 144 -36.61 3.84 -21.59
C ILE D 144 -38.06 3.51 -21.94
N SER D 145 -38.73 2.72 -21.11
CA SER D 145 -40.14 2.43 -21.34
C SER D 145 -40.98 3.71 -21.31
N ALA D 146 -40.54 4.71 -20.55
CA ALA D 146 -41.26 5.98 -20.48
C ALA D 146 -40.85 6.96 -21.57
N ILE D 147 -39.64 6.85 -22.10
CA ILE D 147 -39.18 7.77 -23.13
C ILE D 147 -39.84 7.55 -24.48
N VAL D 148 -40.54 6.42 -24.65
CA VAL D 148 -41.21 6.12 -25.91
C VAL D 148 -42.73 6.25 -25.82
N LEU D 149 -43.29 6.34 -24.61
CA LEU D 149 -44.73 6.41 -24.44
C LEU D 149 -45.22 7.72 -23.82
N GLY D 150 -44.33 8.58 -23.38
CA GLY D 150 -44.74 9.80 -22.71
C GLY D 150 -45.09 10.94 -23.65
N GLY D 151 -46.11 10.72 -24.48
CA GLY D 151 -46.55 11.73 -25.41
C GLY D 151 -47.42 12.80 -24.77
N THR D 152 -47.77 13.79 -25.57
CA THR D 152 -48.59 14.91 -25.13
C THR D 152 -49.95 14.86 -25.83
N LYS D 153 -51.02 14.93 -25.05
CA LYS D 153 -52.36 14.88 -25.60
C LYS D 153 -53.31 15.76 -24.80
N VAL D 160 -55.58 22.44 -23.43
CA VAL D 160 -55.06 21.96 -22.15
C VAL D 160 -54.25 20.69 -22.36
N ILE D 161 -53.10 20.82 -23.03
CA ILE D 161 -52.24 19.67 -23.28
C ILE D 161 -51.58 19.24 -21.98
N GLU D 162 -51.62 17.94 -21.70
CA GLU D 162 -51.07 17.38 -20.48
C GLU D 162 -50.01 16.34 -20.81
N CYS D 163 -48.84 16.46 -20.19
CA CYS D 163 -47.77 15.49 -20.36
C CYS D 163 -48.06 14.27 -19.49
N SER D 164 -48.25 13.12 -20.14
CA SER D 164 -48.64 11.92 -19.42
C SER D 164 -48.20 10.69 -20.22
N LEU D 165 -48.20 9.55 -19.54
CA LEU D 165 -47.83 8.27 -20.16
C LEU D 165 -49.01 7.80 -21.01
N GLN D 166 -48.91 7.99 -22.32
CA GLN D 166 -49.99 7.61 -23.22
C GLN D 166 -50.10 6.09 -23.33
N PHE D 167 -51.33 5.60 -23.38
CA PHE D 167 -51.58 4.17 -23.49
C PHE D 167 -51.55 3.73 -24.96
N TRP D 174 -57.69 0.58 -19.96
CA TRP D 174 -57.30 -0.30 -18.86
C TRP D 174 -55.79 -0.35 -18.71
N TRP D 175 -55.08 0.14 -19.74
CA TRP D 175 -53.61 0.13 -19.68
C TRP D 175 -53.11 1.09 -18.60
N ASP D 176 -53.75 2.24 -18.44
CA ASP D 176 -53.33 3.19 -17.42
C ASP D 176 -53.47 2.61 -16.02
N LEU D 177 -54.59 1.92 -15.75
CA LEU D 177 -54.78 1.31 -14.44
C LEU D 177 -53.74 0.24 -14.17
N PHE D 178 -53.43 -0.59 -15.18
CA PHE D 178 -52.41 -1.61 -15.01
C PHE D 178 -51.05 -0.99 -14.74
N MET D 179 -50.70 0.07 -15.47
CA MET D 179 -49.41 0.73 -15.25
C MET D 179 -49.34 1.34 -13.85
N LYS D 180 -50.42 1.98 -13.41
CA LYS D 180 -50.43 2.58 -12.08
C LYS D 180 -50.31 1.51 -11.00
N ILE D 181 -51.01 0.39 -11.17
CA ILE D 181 -50.94 -0.70 -10.20
C ILE D 181 -49.52 -1.27 -10.16
N CYS D 182 -48.90 -1.46 -11.33
CA CYS D 182 -47.55 -1.99 -11.37
C CYS D 182 -46.56 -1.05 -10.70
N VAL D 183 -46.72 0.27 -10.94
CA VAL D 183 -45.83 1.24 -10.31
C VAL D 183 -46.01 1.22 -8.79
N PHE D 184 -47.27 1.15 -8.33
CA PHE D 184 -47.52 1.09 -6.89
C PHE D 184 -46.93 -0.17 -6.27
N ILE D 185 -47.02 -1.30 -7.00
CA ILE D 185 -46.52 -2.55 -6.46
C ILE D 185 -45.00 -2.56 -6.39
N PHE D 186 -44.34 -2.08 -7.45
CA PHE D 186 -42.88 -2.15 -7.52
C PHE D 186 -42.21 -0.91 -6.96
N ALA D 187 -42.96 0.05 -6.42
CA ALA D 187 -42.37 1.28 -5.90
C ALA D 187 -42.69 1.55 -4.45
N PHE D 188 -43.83 1.08 -3.93
CA PHE D 188 -44.19 1.39 -2.55
C PHE D 188 -44.25 0.14 -1.66
N VAL D 189 -45.10 -0.84 -1.99
CA VAL D 189 -45.36 -1.93 -1.04
C VAL D 189 -44.13 -2.81 -0.89
N ILE D 190 -43.53 -3.22 -2.01
CA ILE D 190 -42.35 -4.09 -1.92
C ILE D 190 -41.18 -3.39 -1.23
N PRO D 191 -40.79 -2.17 -1.61
CA PRO D 191 -39.70 -1.50 -0.86
C PRO D 191 -40.03 -1.26 0.59
N VAL D 192 -41.27 -0.85 0.91
CA VAL D 192 -41.63 -0.60 2.31
C VAL D 192 -41.52 -1.88 3.12
N LEU D 193 -42.03 -2.99 2.57
CA LEU D 193 -41.96 -4.26 3.27
C LEU D 193 -40.51 -4.70 3.48
N ILE D 194 -39.68 -4.56 2.44
CA ILE D 194 -38.29 -4.98 2.55
C ILE D 194 -37.57 -4.15 3.61
N ILE D 195 -37.76 -2.83 3.57
CA ILE D 195 -37.09 -1.95 4.52
C ILE D 195 -37.54 -2.25 5.94
N ILE D 196 -38.85 -2.41 6.15
CA ILE D 196 -39.36 -2.67 7.50
C ILE D 196 -38.81 -3.98 8.02
N VAL D 197 -38.85 -5.03 7.20
CA VAL D 197 -38.37 -6.35 7.64
C VAL D 197 -36.89 -6.28 7.97
N CYS D 198 -36.09 -5.68 7.09
CA CYS D 198 -34.65 -5.64 7.28
C CYS D 198 -34.29 -4.86 8.54
N TYR D 199 -34.90 -3.69 8.73
CA TYR D 199 -34.54 -2.87 9.88
C TYR D 199 -35.05 -3.46 11.18
N THR D 200 -36.24 -4.07 11.16
CA THR D 200 -36.73 -4.74 12.36
C THR D 200 -35.83 -5.89 12.76
N LEU D 201 -35.41 -6.71 11.78
CA LEU D 201 -34.51 -7.82 12.10
C LEU D 201 -33.17 -7.32 12.59
N MET D 202 -32.66 -6.24 12.01
CA MET D 202 -31.38 -5.68 12.45
C MET D 202 -31.48 -5.17 13.89
N ILE D 203 -32.58 -4.50 14.23
CA ILE D 203 -32.74 -4.01 15.60
C ILE D 203 -32.89 -5.17 16.57
N LEU D 204 -33.64 -6.21 16.18
CA LEU D 204 -33.80 -7.37 17.04
C LEU D 204 -32.46 -8.06 17.30
N ARG D 205 -31.63 -8.16 16.27
CA ARG D 205 -30.30 -8.75 16.45
C ARG D 205 -29.42 -7.86 17.33
N LEU D 206 -29.48 -6.55 17.13
CA LEU D 206 -28.65 -5.63 17.91
C LEU D 206 -29.06 -5.57 19.37
N LYS D 207 -30.32 -5.88 19.67
CA LYS D 207 -30.75 -5.92 21.07
C LYS D 207 -30.06 -7.03 21.86
N SER D 208 -29.58 -8.07 21.19
CA SER D 208 -28.97 -9.22 21.85
C SER D 208 -27.45 -9.20 21.80
N VAL D 209 -26.84 -8.09 21.41
CA VAL D 209 -25.39 -7.99 21.33
C VAL D 209 -24.85 -7.57 22.68
N ARG D 210 -23.59 -7.92 22.95
CA ARG D 210 -22.99 -7.70 24.27
C ARG D 210 -22.37 -6.32 24.42
N LEU D 211 -22.32 -5.52 23.36
CA LEU D 211 -21.74 -4.18 23.45
C LEU D 211 -22.78 -3.08 23.55
N LEU D 212 -23.84 -3.13 22.74
CA LEU D 212 -24.88 -2.11 22.84
C LEU D 212 -25.78 -2.33 24.04
N SER D 213 -26.08 -3.58 24.38
CA SER D 213 -26.97 -3.90 25.49
C SER D 213 -26.18 -4.18 26.76
N GLY D 214 -25.51 -3.13 27.24
CA GLY D 214 -24.73 -3.23 28.46
C GLY D 214 -25.25 -2.37 29.59
N SER D 215 -24.60 -1.24 29.83
CA SER D 215 -24.97 -0.31 30.87
C SER D 215 -25.84 0.80 30.30
N ARG D 216 -26.12 1.83 31.12
CA ARG D 216 -26.93 2.95 30.66
C ARG D 216 -26.19 3.82 29.64
N GLU D 217 -24.86 3.73 29.57
CA GLU D 217 -24.12 4.52 28.61
C GLU D 217 -24.24 3.97 27.20
N LYS D 218 -24.47 2.67 27.05
CA LYS D 218 -24.58 2.03 25.74
C LYS D 218 -26.01 1.64 25.38
N ASP D 219 -26.87 1.42 26.37
CA ASP D 219 -28.29 1.30 26.08
C ASP D 219 -28.82 2.57 25.43
N ARG D 220 -28.25 3.73 25.79
CA ARG D 220 -28.62 4.97 25.13
C ARG D 220 -28.24 4.94 23.65
N ASN D 221 -27.07 4.40 23.32
CA ASN D 221 -26.68 4.30 21.92
C ASN D 221 -27.57 3.32 21.16
N LEU D 222 -27.93 2.21 21.80
CA LEU D 222 -28.85 1.26 21.17
C LEU D 222 -30.21 1.90 20.89
N ARG D 223 -30.74 2.65 21.86
CA ARG D 223 -32.01 3.33 21.65
C ARG D 223 -31.88 4.44 20.61
N ARG D 224 -30.70 5.07 20.51
CA ARG D 224 -30.48 6.06 19.46
C ARG D 224 -30.50 5.41 18.08
N ILE D 225 -29.89 4.23 17.96
CA ILE D 225 -29.92 3.51 16.69
C ILE D 225 -31.36 3.14 16.33
N THR D 226 -32.13 2.66 17.32
CA THR D 226 -33.53 2.34 17.07
C THR D 226 -34.31 3.58 16.64
N ARG D 227 -34.05 4.72 17.28
CA ARG D 227 -34.73 5.96 16.90
C ARG D 227 -34.38 6.38 15.49
N LEU D 228 -33.12 6.22 15.09
CA LEU D 228 -32.72 6.56 13.72
C LEU D 228 -33.45 5.67 12.71
N VAL D 229 -33.50 4.36 12.98
CA VAL D 229 -34.19 3.44 12.08
C VAL D 229 -35.67 3.82 11.97
N LEU D 230 -36.31 4.11 13.11
CA LEU D 230 -37.71 4.50 13.11
C LEU D 230 -37.91 5.79 12.35
N VAL D 231 -37.00 6.75 12.51
CA VAL D 231 -37.12 8.02 11.81
C VAL D 231 -37.07 7.81 10.30
N VAL D 232 -36.12 6.99 9.85
CA VAL D 232 -35.98 6.75 8.41
C VAL D 232 -37.23 6.08 7.85
N VAL D 233 -37.69 5.02 8.51
CA VAL D 233 -38.85 4.28 7.99
C VAL D 233 -40.10 5.16 8.02
N ALA D 234 -40.31 5.89 9.10
CA ALA D 234 -41.49 6.75 9.21
C ALA D 234 -41.45 7.87 8.19
N VAL D 235 -40.28 8.46 7.95
CA VAL D 235 -40.18 9.52 6.94
C VAL D 235 -40.55 8.96 5.57
N PHE D 236 -39.98 7.81 5.20
CA PHE D 236 -40.30 7.23 3.90
C PHE D 236 -41.79 6.95 3.77
N VAL D 237 -42.38 6.33 4.79
CA VAL D 237 -43.78 5.93 4.70
C VAL D 237 -44.69 7.15 4.63
N VAL D 238 -44.50 8.10 5.55
CA VAL D 238 -45.37 9.27 5.62
C VAL D 238 -45.16 10.25 4.50
N CYS D 239 -44.05 10.15 3.77
CA CYS D 239 -43.83 11.03 2.63
C CYS D 239 -44.09 10.36 1.29
N TRP D 240 -44.28 9.04 1.25
CA TRP D 240 -44.66 8.39 0.01
C TRP D 240 -46.07 7.84 -0.02
N THR D 241 -46.73 7.68 1.13
CA THR D 241 -48.09 7.14 1.15
C THR D 241 -49.10 8.05 0.46
N PRO D 242 -49.20 9.35 0.77
CA PRO D 242 -50.30 10.14 0.21
C PRO D 242 -50.33 10.20 -1.30
N ILE D 243 -49.17 10.35 -1.94
CA ILE D 243 -49.16 10.49 -3.40
C ILE D 243 -49.62 9.20 -4.07
N HIS D 244 -49.11 8.06 -3.60
CA HIS D 244 -49.51 6.78 -4.17
C HIS D 244 -50.99 6.50 -3.93
N ILE D 245 -51.47 6.81 -2.73
CA ILE D 245 -52.88 6.59 -2.42
C ILE D 245 -53.76 7.46 -3.30
N PHE D 246 -53.40 8.73 -3.46
CA PHE D 246 -54.18 9.64 -4.28
C PHE D 246 -54.20 9.19 -5.74
N ILE D 247 -53.04 8.78 -6.25
CA ILE D 247 -52.96 8.36 -7.65
C ILE D 247 -53.77 7.09 -7.88
N LEU D 248 -53.69 6.14 -6.95
CA LEU D 248 -54.47 4.91 -7.09
C LEU D 248 -55.97 5.20 -7.01
N VAL D 249 -56.38 6.10 -6.12
CA VAL D 249 -57.80 6.43 -6.00
C VAL D 249 -58.30 7.13 -7.25
N GLU D 250 -57.51 8.07 -7.80
CA GLU D 250 -57.94 8.82 -8.97
C GLU D 250 -58.15 7.92 -10.18
N ALA D 251 -57.38 6.83 -10.29
CA ALA D 251 -57.57 5.91 -11.40
C ALA D 251 -58.93 5.25 -11.36
N LEU D 252 -59.37 4.82 -10.18
CA LEU D 252 -60.67 4.18 -10.06
C LEU D 252 -61.81 5.19 -10.25
N GLY D 253 -61.63 6.41 -9.75
CA GLY D 253 -62.64 7.44 -9.88
C GLY D 253 -62.44 8.34 -11.08
N LEU D 262 -58.79 18.52 -5.48
CA LEU D 262 -58.11 18.79 -6.74
C LEU D 262 -56.74 19.41 -6.50
N SER D 263 -56.66 20.31 -5.53
CA SER D 263 -55.41 20.96 -5.19
C SER D 263 -54.53 20.11 -4.29
N SER D 264 -55.06 19.03 -3.71
CA SER D 264 -54.28 18.16 -2.85
C SER D 264 -53.38 17.22 -3.65
N TYR D 265 -53.59 17.09 -4.96
CA TYR D 265 -52.70 16.27 -5.79
C TYR D 265 -51.27 16.82 -5.76
N TYR D 266 -51.13 18.12 -6.02
CA TYR D 266 -49.80 18.72 -6.03
C TYR D 266 -49.21 18.80 -4.64
N PHE D 267 -50.05 18.84 -3.60
CA PHE D 267 -49.51 18.72 -2.24
C PHE D 267 -48.87 17.36 -2.00
N CYS D 268 -49.51 16.29 -2.49
CA CYS D 268 -48.92 14.96 -2.35
C CYS D 268 -47.65 14.83 -3.18
N ILE D 269 -47.64 15.42 -4.37
CA ILE D 269 -46.41 15.43 -5.17
C ILE D 269 -45.31 16.19 -4.44
N ALA D 270 -45.66 17.30 -3.78
CA ALA D 270 -44.70 18.02 -2.96
C ALA D 270 -44.22 17.17 -1.80
N LEU D 271 -45.09 16.34 -1.23
CA LEU D 271 -44.67 15.45 -0.15
C LEU D 271 -43.63 14.44 -0.64
N GLY D 272 -43.86 13.86 -1.82
CA GLY D 272 -42.86 12.98 -2.41
C GLY D 272 -41.54 13.69 -2.66
N TYR D 273 -41.61 14.92 -3.16
CA TYR D 273 -40.40 15.71 -3.34
C TYR D 273 -39.72 16.03 -2.02
N THR D 274 -40.49 16.23 -0.95
CA THR D 274 -39.89 16.44 0.37
C THR D 274 -39.17 15.18 0.83
N ASN D 275 -39.74 14.01 0.56
CA ASN D 275 -39.02 12.77 0.85
C ASN D 275 -37.68 12.74 0.15
N SER D 276 -37.70 13.00 -1.16
CA SER D 276 -36.46 12.97 -1.94
C SER D 276 -35.45 14.00 -1.44
N SER D 277 -35.94 15.18 -1.05
CA SER D 277 -35.04 16.25 -0.63
C SER D 277 -34.47 16.00 0.77
N LEU D 278 -35.29 15.48 1.68
CA LEU D 278 -34.90 15.32 3.07
C LEU D 278 -34.23 13.98 3.36
N ASN D 279 -34.23 13.04 2.43
CA ASN D 279 -33.45 11.83 2.64
C ASN D 279 -31.96 12.11 2.81
N PRO D 280 -31.29 12.84 1.91
CA PRO D 280 -29.84 13.04 2.12
C PRO D 280 -29.53 13.99 3.26
N ILE D 281 -30.33 15.03 3.47
CA ILE D 281 -30.06 15.97 4.55
C ILE D 281 -30.18 15.26 5.90
N LEU D 282 -31.26 14.50 6.10
CA LEU D 282 -31.43 13.75 7.33
C LEU D 282 -30.35 12.68 7.49
N TYR D 283 -29.99 12.01 6.39
CA TYR D 283 -28.94 11.00 6.46
C TYR D 283 -27.61 11.61 6.90
N ALA D 284 -27.25 12.76 6.34
CA ALA D 284 -26.01 13.42 6.73
C ALA D 284 -26.08 13.92 8.18
N PHE D 285 -27.22 14.48 8.59
CA PHE D 285 -27.34 15.01 9.94
C PHE D 285 -27.32 13.91 10.99
N LEU D 286 -27.82 12.72 10.65
CA LEU D 286 -27.89 11.61 11.58
C LEU D 286 -26.79 10.57 11.36
N ASP D 287 -25.82 10.86 10.50
CA ASP D 287 -24.73 9.93 10.24
C ASP D 287 -23.65 10.08 11.31
N GLU D 288 -23.31 8.97 11.96
CA GLU D 288 -22.27 9.02 12.99
C GLU D 288 -20.90 9.27 12.38
N ASN D 289 -20.63 8.69 11.21
CA ASN D 289 -19.36 8.96 10.54
C ASN D 289 -19.25 10.43 10.14
N PHE D 290 -20.34 11.01 9.64
CA PHE D 290 -20.36 12.44 9.36
C PHE D 290 -20.20 13.24 10.64
N LYS D 291 -20.88 12.81 11.71
CA LYS D 291 -20.76 13.49 13.00
C LYS D 291 -19.35 13.38 13.57
N ARG D 292 -18.57 12.39 13.14
CA ARG D 292 -17.19 12.22 13.57
C ARG D 292 -16.19 12.86 12.60
N CYS D 293 -16.61 13.89 11.88
CA CYS D 293 -15.75 14.57 10.92
C CYS D 293 -16.04 16.07 10.89
N VAL E 2 16.30 -21.57 -19.13
CA VAL E 2 15.36 -20.92 -20.05
C VAL E 2 15.47 -21.55 -21.43
N GLN E 3 14.37 -22.11 -21.91
CA GLN E 3 14.34 -22.68 -23.25
C GLN E 3 12.93 -22.55 -23.83
N LEU E 4 12.86 -22.30 -25.13
CA LEU E 4 11.60 -22.21 -25.86
C LEU E 4 11.67 -23.18 -27.03
N VAL E 5 10.72 -24.10 -27.10
CA VAL E 5 10.69 -25.12 -28.15
C VAL E 5 9.41 -24.97 -28.94
N GLU E 6 9.54 -24.82 -30.26
CA GLU E 6 8.41 -24.63 -31.15
C GLU E 6 8.05 -25.96 -31.81
N SER E 7 6.75 -26.19 -31.96
CA SER E 7 6.24 -27.42 -32.57
C SER E 7 5.26 -27.05 -33.67
N GLY E 8 5.11 -27.96 -34.63
CA GLY E 8 4.25 -27.74 -35.79
C GLY E 8 5.04 -27.79 -37.08
N GLY E 9 4.69 -26.90 -38.01
CA GLY E 9 5.41 -26.84 -39.27
C GLY E 9 5.13 -28.04 -40.16
N GLY E 10 6.00 -28.22 -41.14
CA GLY E 10 5.89 -29.30 -42.10
C GLY E 10 5.22 -28.86 -43.39
N LEU E 11 5.07 -29.83 -44.28
CA LEU E 11 4.45 -29.57 -45.58
C LEU E 11 2.96 -29.28 -45.41
N VAL E 12 2.50 -28.18 -46.00
CA VAL E 12 1.11 -27.79 -45.97
C VAL E 12 0.69 -27.40 -47.37
N GLN E 13 -0.44 -27.93 -47.83
CA GLN E 13 -0.96 -27.54 -49.13
C GLN E 13 -1.46 -26.10 -49.08
N PRO E 14 -1.31 -25.34 -50.17
CA PRO E 14 -1.76 -23.95 -50.16
C PRO E 14 -3.27 -23.87 -49.93
N GLY E 15 -3.67 -22.84 -49.18
CA GLY E 15 -5.05 -22.69 -48.78
C GLY E 15 -5.46 -23.48 -47.55
N GLY E 16 -4.56 -24.27 -46.99
CA GLY E 16 -4.85 -25.05 -45.81
C GLY E 16 -4.64 -24.26 -44.54
N SER E 17 -4.58 -24.98 -43.42
CA SER E 17 -4.41 -24.36 -42.11
C SER E 17 -3.51 -25.24 -41.26
N ARG E 18 -2.85 -24.60 -40.29
CA ARG E 18 -2.00 -25.31 -39.34
C ARG E 18 -1.87 -24.46 -38.08
N LYS E 19 -1.59 -25.14 -36.97
CA LYS E 19 -1.43 -24.49 -35.68
C LYS E 19 0.00 -24.66 -35.20
N LEU E 20 0.62 -23.55 -34.80
CA LEU E 20 1.98 -23.54 -34.28
C LEU E 20 1.92 -23.44 -32.77
N SER E 21 2.70 -24.29 -32.09
CA SER E 21 2.74 -24.32 -30.64
C SER E 21 4.17 -24.13 -30.16
N CYS E 22 4.33 -23.35 -29.09
CA CYS E 22 5.63 -23.16 -28.46
C CYS E 22 5.53 -23.48 -26.97
N SER E 23 6.42 -24.33 -26.49
CA SER E 23 6.43 -24.74 -25.09
C SER E 23 7.52 -23.96 -24.36
N ALA E 24 7.13 -23.28 -23.29
CA ALA E 24 8.05 -22.45 -22.51
C ALA E 24 8.38 -23.14 -21.19
N SER E 25 9.66 -23.20 -20.87
CA SER E 25 10.11 -23.80 -19.63
C SER E 25 11.35 -23.06 -19.13
N GLY E 26 11.47 -22.95 -17.81
CA GLY E 26 12.62 -22.32 -17.20
C GLY E 26 12.44 -20.86 -16.83
N PHE E 27 11.26 -20.28 -17.04
CA PHE E 27 11.03 -18.89 -16.69
C PHE E 27 9.55 -18.69 -16.46
N ALA E 28 9.22 -17.55 -15.84
CA ALA E 28 7.83 -17.21 -15.55
C ALA E 28 7.11 -16.81 -16.81
N PHE E 29 6.53 -17.80 -17.51
CA PHE E 29 5.92 -17.54 -18.81
C PHE E 29 4.74 -16.59 -18.72
N SER E 30 4.06 -16.54 -17.57
CA SER E 30 2.87 -15.71 -17.45
C SER E 30 3.20 -14.23 -17.42
N SER E 31 4.41 -13.86 -17.01
CA SER E 31 4.78 -12.46 -16.87
C SER E 31 5.46 -11.89 -18.11
N PHE E 32 5.61 -12.69 -19.16
CA PHE E 32 6.29 -12.27 -20.37
C PHE E 32 5.29 -12.08 -21.50
N GLY E 33 5.45 -10.99 -22.25
CA GLY E 33 4.81 -10.88 -23.54
C GLY E 33 5.60 -11.66 -24.58
N MET E 34 4.89 -12.34 -25.47
CA MET E 34 5.52 -13.23 -26.41
C MET E 34 5.20 -12.81 -27.84
N HIS E 35 6.18 -12.97 -28.72
CA HIS E 35 6.09 -12.58 -30.11
C HIS E 35 6.26 -13.79 -31.01
N TRP E 36 5.77 -13.66 -32.25
CA TRP E 36 6.08 -14.60 -33.32
C TRP E 36 6.82 -13.83 -34.40
N VAL E 37 8.00 -14.32 -34.76
CA VAL E 37 8.82 -13.71 -35.80
C VAL E 37 9.22 -14.81 -36.76
N ARG E 38 9.01 -14.57 -38.05
CA ARG E 38 9.32 -15.56 -39.08
C ARG E 38 10.47 -15.07 -39.95
N GLN E 39 11.18 -16.03 -40.54
CA GLN E 39 12.31 -15.73 -41.41
C GLN E 39 12.18 -16.58 -42.67
N ALA E 40 12.14 -15.92 -43.83
CA ALA E 40 12.00 -16.61 -45.09
C ALA E 40 13.24 -17.47 -45.36
N PRO E 41 13.12 -18.49 -46.21
CA PRO E 41 14.26 -19.40 -46.44
C PRO E 41 15.52 -18.69 -46.89
N GLU E 42 15.42 -17.59 -47.62
CA GLU E 42 16.59 -16.85 -48.05
C GLU E 42 16.61 -15.39 -47.60
N LYS E 43 15.52 -14.88 -47.04
CA LYS E 43 15.44 -13.49 -46.64
C LYS E 43 15.65 -13.36 -45.13
N GLY E 44 15.47 -12.15 -44.62
CA GLY E 44 15.68 -11.86 -43.21
C GLY E 44 14.44 -12.09 -42.37
N LEU E 45 14.53 -11.68 -41.11
CA LEU E 45 13.45 -11.88 -40.17
C LEU E 45 12.29 -10.93 -40.45
N GLU E 46 11.11 -11.34 -40.01
CA GLU E 46 9.89 -10.55 -40.21
C GLU E 46 8.93 -10.82 -39.06
N TRP E 47 8.50 -9.75 -38.40
CA TRP E 47 7.57 -9.88 -37.27
C TRP E 47 6.20 -10.33 -37.75
N VAL E 48 5.52 -11.12 -36.92
CA VAL E 48 4.22 -11.67 -37.28
C VAL E 48 3.13 -11.22 -36.33
N ALA E 49 3.24 -11.59 -35.05
CA ALA E 49 2.16 -11.32 -34.10
C ALA E 49 2.73 -11.17 -32.70
N TYR E 50 1.94 -10.54 -31.83
CA TYR E 50 2.33 -10.29 -30.44
C TYR E 50 1.12 -10.44 -29.55
N ILE E 51 1.30 -11.13 -28.41
CA ILE E 51 0.29 -11.22 -27.38
C ILE E 51 0.92 -10.81 -26.05
N SER E 52 0.27 -9.91 -25.32
CA SER E 52 0.87 -9.33 -24.14
C SER E 52 0.73 -10.27 -22.95
N SER E 53 1.17 -9.79 -21.78
CA SER E 53 0.99 -10.52 -20.55
C SER E 53 -0.46 -10.40 -20.09
N GLY E 54 -1.09 -11.54 -19.80
CA GLY E 54 -2.50 -11.56 -19.52
C GLY E 54 -3.40 -11.51 -20.74
N SER E 55 -2.82 -11.52 -21.94
CA SER E 55 -3.56 -11.52 -23.21
C SER E 55 -4.41 -10.28 -23.40
N GLY E 56 -4.10 -9.20 -22.68
CA GLY E 56 -4.90 -7.99 -22.79
C GLY E 56 -4.61 -7.14 -24.01
N THR E 57 -3.55 -7.46 -24.76
CA THR E 57 -3.18 -6.70 -25.94
C THR E 57 -2.65 -7.67 -26.99
N ILE E 58 -3.18 -7.59 -28.20
CA ILE E 58 -2.78 -8.47 -29.30
C ILE E 58 -2.56 -7.62 -30.53
N TYR E 59 -1.46 -7.88 -31.24
CA TYR E 59 -1.14 -7.19 -32.47
C TYR E 59 -0.78 -8.20 -33.55
N TYR E 60 -1.01 -7.83 -34.81
CA TYR E 60 -0.72 -8.69 -35.95
C TYR E 60 -0.02 -7.89 -37.03
N ALA E 61 0.74 -8.60 -37.86
CA ALA E 61 1.29 -8.01 -39.06
C ALA E 61 0.19 -7.76 -40.07
N ASP E 62 0.35 -6.68 -40.85
CA ASP E 62 -0.65 -6.37 -41.88
C ASP E 62 -0.74 -7.50 -42.92
N THR E 63 0.34 -8.25 -43.10
CA THR E 63 0.32 -9.36 -44.04
C THR E 63 -0.52 -10.53 -43.53
N VAL E 64 -0.65 -10.67 -42.21
CA VAL E 64 -1.37 -11.78 -41.60
C VAL E 64 -2.58 -11.34 -40.81
N LYS E 65 -2.85 -10.03 -40.71
CA LYS E 65 -3.99 -9.56 -39.95
C LYS E 65 -5.30 -10.06 -40.56
N GLY E 66 -6.18 -10.60 -39.71
CA GLY E 66 -7.40 -11.21 -40.16
C GLY E 66 -7.25 -12.62 -40.66
N ARG E 67 -6.03 -13.15 -40.68
CA ARG E 67 -5.75 -14.49 -41.16
C ARG E 67 -5.07 -15.38 -40.14
N PHE E 68 -4.24 -14.81 -39.26
CA PHE E 68 -3.57 -15.54 -38.21
C PHE E 68 -4.22 -15.20 -36.87
N THR E 69 -4.09 -16.12 -35.91
CA THR E 69 -4.57 -15.89 -34.55
C THR E 69 -3.53 -16.39 -33.57
N ILE E 70 -3.23 -15.56 -32.57
CA ILE E 70 -2.22 -15.87 -31.56
C ILE E 70 -2.90 -15.94 -30.20
N SER E 71 -2.56 -16.98 -29.43
CA SER E 71 -3.15 -17.17 -28.11
C SER E 71 -2.14 -17.89 -27.22
N ARG E 72 -2.33 -17.74 -25.91
CA ARG E 72 -1.43 -18.32 -24.93
C ARG E 72 -2.24 -19.08 -23.87
N ASP E 73 -1.60 -20.07 -23.27
CA ASP E 73 -2.17 -20.86 -22.18
C ASP E 73 -1.18 -20.82 -21.03
N ASP E 74 -1.33 -19.82 -20.15
CA ASP E 74 -0.36 -19.64 -19.07
C ASP E 74 -0.26 -20.83 -18.13
N PRO E 75 -1.36 -21.44 -17.65
CA PRO E 75 -1.20 -22.64 -16.82
C PRO E 75 -0.49 -23.78 -17.54
N LYS E 76 -0.64 -23.88 -18.85
CA LYS E 76 0.05 -24.90 -19.64
C LYS E 76 1.40 -24.44 -20.17
N ASN E 77 1.76 -23.16 -19.96
CA ASN E 77 3.05 -22.62 -20.39
C ASN E 77 3.27 -22.80 -21.89
N THR E 78 2.23 -22.59 -22.67
CA THR E 78 2.28 -22.80 -24.12
C THR E 78 1.78 -21.58 -24.84
N LEU E 79 2.42 -21.27 -25.97
CA LEU E 79 1.99 -20.21 -26.87
C LEU E 79 1.56 -20.82 -28.19
N PHE E 80 0.41 -20.36 -28.70
CA PHE E 80 -0.19 -20.92 -29.89
C PHE E 80 -0.26 -19.87 -30.99
N LEU E 81 -0.17 -20.34 -32.23
CA LEU E 81 -0.39 -19.49 -33.40
C LEU E 81 -1.28 -20.27 -34.36
N GLN E 82 -2.51 -19.80 -34.54
CA GLN E 82 -3.45 -20.40 -35.47
C GLN E 82 -3.40 -19.63 -36.79
N MET E 83 -3.08 -20.34 -37.86
CA MET E 83 -3.00 -19.75 -39.19
C MET E 83 -3.88 -20.53 -40.15
N THR E 84 -4.71 -19.80 -40.91
CA THR E 84 -5.65 -20.39 -41.84
C THR E 84 -5.48 -19.77 -43.21
N SER E 85 -5.80 -20.54 -44.24
CA SER E 85 -5.68 -20.12 -45.64
C SER E 85 -4.25 -19.66 -45.94
N LEU E 86 -3.31 -20.59 -45.77
CA LEU E 86 -1.90 -20.27 -45.94
C LEU E 86 -1.58 -20.00 -47.40
N ARG E 87 -0.87 -18.89 -47.64
CA ARG E 87 -0.44 -18.53 -48.98
C ARG E 87 0.95 -19.09 -49.26
N SER E 88 1.37 -18.98 -50.53
CA SER E 88 2.70 -19.43 -50.91
C SER E 88 3.80 -18.53 -50.37
N GLU E 89 3.46 -17.33 -49.91
CA GLU E 89 4.42 -16.42 -49.31
C GLU E 89 4.51 -16.56 -47.80
N ASP E 90 3.80 -17.52 -47.22
CA ASP E 90 3.82 -17.77 -45.79
C ASP E 90 4.84 -18.83 -45.39
N THR E 91 5.61 -19.36 -46.33
CA THR E 91 6.63 -20.35 -46.01
C THR E 91 7.84 -19.65 -45.40
N ALA E 92 8.19 -20.04 -44.18
CA ALA E 92 9.28 -19.43 -43.44
C ALA E 92 9.54 -20.26 -42.19
N MET E 93 10.67 -20.00 -41.54
CA MET E 93 10.99 -20.58 -40.25
C MET E 93 10.50 -19.65 -39.16
N TYR E 94 9.61 -20.14 -38.30
CA TYR E 94 8.93 -19.31 -37.32
C TYR E 94 9.63 -19.39 -35.98
N TYR E 95 9.91 -18.24 -35.39
CA TYR E 95 10.61 -18.14 -34.12
C TYR E 95 9.66 -17.59 -33.05
N CYS E 96 9.79 -18.11 -31.83
CA CYS E 96 9.06 -17.60 -30.68
C CYS E 96 10.01 -16.80 -29.81
N VAL E 97 9.61 -15.58 -29.46
CA VAL E 97 10.44 -14.64 -28.73
C VAL E 97 9.69 -14.19 -27.49
N ARG E 98 10.36 -14.21 -26.35
CA ARG E 98 9.81 -13.68 -25.11
C ARG E 98 10.33 -12.26 -24.90
N SER E 99 9.47 -11.40 -24.38
CA SER E 99 9.85 -10.00 -24.16
C SER E 99 9.00 -9.43 -23.02
N ILE E 100 9.66 -9.03 -21.95
CA ILE E 100 9.00 -8.45 -20.78
C ILE E 100 9.28 -6.96 -20.76
N TYR E 101 8.27 -6.17 -20.40
CA TYR E 101 8.34 -4.72 -20.51
C TYR E 101 8.11 -4.08 -19.15
N TYR E 102 9.19 -3.54 -18.58
CA TYR E 102 9.13 -2.63 -17.45
C TYR E 102 10.33 -1.71 -17.57
N TYR E 103 10.48 -0.79 -16.62
CA TYR E 103 11.60 0.13 -16.68
C TYR E 103 12.91 -0.62 -16.54
N GLY E 104 13.82 -0.42 -17.49
CA GLY E 104 15.10 -1.10 -17.47
C GLY E 104 15.09 -2.52 -17.99
N SER E 105 13.96 -2.97 -18.54
CA SER E 105 13.86 -4.33 -19.04
C SER E 105 14.64 -4.48 -20.33
N SER E 106 14.83 -5.74 -20.74
CA SER E 106 15.52 -6.08 -21.98
C SER E 106 14.62 -7.00 -22.80
N PRO E 107 13.76 -6.44 -23.65
CA PRO E 107 12.87 -7.27 -24.46
C PRO E 107 13.63 -8.01 -25.55
N PHE E 108 12.96 -9.05 -26.09
CA PHE E 108 13.48 -9.87 -27.18
C PHE E 108 14.78 -10.56 -26.80
N ASP E 109 14.99 -10.79 -25.49
CA ASP E 109 16.27 -11.28 -25.02
C ASP E 109 16.49 -12.74 -25.36
N PHE E 110 15.43 -13.56 -25.31
CA PHE E 110 15.55 -14.98 -25.61
C PHE E 110 14.66 -15.34 -26.79
N TRP E 111 15.24 -16.06 -27.75
CA TRP E 111 14.54 -16.55 -28.93
C TRP E 111 14.49 -18.06 -28.90
N GLY E 112 13.43 -18.61 -29.47
CA GLY E 112 13.28 -20.05 -29.52
C GLY E 112 14.14 -20.70 -30.58
N GLN E 113 14.13 -22.03 -30.58
CA GLN E 113 14.89 -22.78 -31.56
C GLN E 113 14.38 -22.55 -32.98
N GLY E 114 13.06 -22.45 -33.14
CA GLY E 114 12.49 -22.14 -34.43
C GLY E 114 11.94 -23.34 -35.17
N THR E 115 10.71 -23.24 -35.64
CA THR E 115 10.09 -24.29 -36.43
C THR E 115 9.86 -23.77 -37.85
N THR E 116 9.97 -24.68 -38.82
CA THR E 116 9.88 -24.32 -40.23
C THR E 116 8.61 -24.88 -40.84
N LEU E 117 7.98 -24.08 -41.70
CA LEU E 117 6.77 -24.50 -42.41
C LEU E 117 6.96 -24.16 -43.88
N THR E 118 6.67 -25.12 -44.74
CA THR E 118 6.80 -24.97 -46.19
C THR E 118 5.47 -25.29 -46.86
N VAL E 119 5.05 -24.43 -47.77
CA VAL E 119 3.81 -24.59 -48.52
C VAL E 119 4.16 -24.77 -49.99
N SER E 120 3.67 -25.85 -50.59
CA SER E 120 3.94 -26.12 -51.98
C SER E 120 3.15 -25.16 -52.88
N SER E 121 3.65 -24.97 -54.10
CA SER E 121 3.00 -24.07 -55.05
C SER E 121 1.69 -24.66 -55.57
N SER E 136 2.82 3.39 -43.85
CA SER E 136 3.22 4.22 -42.73
C SER E 136 4.23 3.48 -41.83
N ASP E 137 4.51 2.23 -42.17
CA ASP E 137 5.45 1.44 -41.41
C ASP E 137 6.87 2.01 -41.54
N ILE E 138 7.59 2.03 -40.42
CA ILE E 138 8.96 2.51 -40.43
C ILE E 138 9.83 1.56 -41.24
N VAL E 139 10.68 2.11 -42.10
CA VAL E 139 11.55 1.33 -42.96
C VAL E 139 12.96 1.36 -42.39
N MET E 140 13.56 0.19 -42.24
CA MET E 140 14.93 0.05 -41.77
C MET E 140 15.81 -0.43 -42.90
N THR E 141 16.95 0.23 -43.10
CA THR E 141 17.83 -0.04 -44.22
C THR E 141 19.21 -0.46 -43.72
N GLN E 142 19.76 -1.49 -44.35
CA GLN E 142 21.13 -1.96 -44.09
C GLN E 142 21.80 -2.16 -45.44
N ALA E 143 22.43 -1.08 -45.94
CA ALA E 143 23.01 -1.13 -47.28
C ALA E 143 24.14 -2.14 -47.37
N THR E 144 25.02 -2.18 -46.37
CA THR E 144 26.15 -3.08 -46.40
C THR E 144 25.71 -4.54 -46.27
N SER E 145 26.42 -5.42 -46.96
CA SER E 145 26.13 -6.84 -46.92
C SER E 145 27.35 -7.61 -47.40
N SER E 146 27.46 -8.86 -46.95
CA SER E 146 28.52 -9.78 -47.36
C SER E 146 29.90 -9.17 -47.12
N VAL E 147 30.06 -8.52 -45.96
CA VAL E 147 31.30 -7.84 -45.62
C VAL E 147 32.39 -8.86 -45.33
N PRO E 148 33.53 -8.81 -46.03
CA PRO E 148 34.65 -9.69 -45.71
C PRO E 148 35.37 -9.19 -44.47
N VAL E 149 35.60 -10.10 -43.52
CA VAL E 149 36.14 -9.73 -42.20
C VAL E 149 37.31 -10.65 -41.87
N THR E 150 38.43 -10.06 -41.48
CA THR E 150 39.59 -10.77 -40.97
C THR E 150 39.51 -10.86 -39.44
N PRO E 151 39.64 -12.05 -38.86
CA PRO E 151 39.51 -12.17 -37.40
C PRO E 151 40.55 -11.34 -36.67
N GLY E 152 40.14 -10.77 -35.53
CA GLY E 152 40.99 -9.93 -34.73
C GLY E 152 40.95 -8.45 -35.09
N GLU E 153 40.25 -8.08 -36.16
CA GLU E 153 40.18 -6.69 -36.58
C GLU E 153 38.95 -6.01 -35.98
N SER E 154 38.71 -4.77 -36.38
CA SER E 154 37.58 -3.99 -35.91
C SER E 154 36.66 -3.69 -37.10
N VAL E 155 35.37 -3.99 -36.93
CA VAL E 155 34.38 -3.77 -37.97
C VAL E 155 33.24 -2.93 -37.41
N SER E 156 32.50 -2.29 -38.32
CA SER E 156 31.35 -1.48 -37.97
C SER E 156 30.21 -1.81 -38.92
N ILE E 157 29.00 -1.91 -38.37
CA ILE E 157 27.79 -2.19 -39.14
C ILE E 157 26.84 -1.02 -38.97
N SER E 158 26.38 -0.47 -40.09
CA SER E 158 25.54 0.71 -40.09
C SER E 158 24.07 0.34 -40.27
N CYS E 159 23.20 1.26 -39.84
CA CYS E 159 21.76 1.08 -39.96
C CYS E 159 21.13 2.44 -40.22
N ARG E 160 19.95 2.40 -40.85
CA ARG E 160 19.20 3.61 -41.15
C ARG E 160 17.73 3.37 -40.88
N SER E 161 17.00 4.45 -40.61
CA SER E 161 15.58 4.39 -40.32
C SER E 161 14.85 5.46 -41.11
N SER E 162 13.61 5.16 -41.50
CA SER E 162 12.78 6.14 -42.19
C SER E 162 12.20 7.18 -41.24
N LYS E 163 12.16 6.88 -39.94
CA LYS E 163 11.63 7.79 -38.94
C LYS E 163 12.56 7.81 -37.74
N SER E 164 12.54 8.91 -37.00
CA SER E 164 13.37 9.05 -35.81
C SER E 164 12.88 8.11 -34.72
N LEU E 165 13.74 7.18 -34.30
CA LEU E 165 13.39 6.22 -33.26
C LEU E 165 13.53 6.81 -31.86
N LEU E 166 14.07 8.02 -31.73
CA LEU E 166 14.21 8.65 -30.43
C LEU E 166 12.87 9.20 -29.96
N HIS E 167 12.35 8.65 -28.87
CA HIS E 167 11.07 9.07 -28.32
C HIS E 167 11.28 10.24 -27.35
N SER E 168 10.17 10.74 -26.80
CA SER E 168 10.25 11.80 -25.81
C SER E 168 10.79 11.30 -24.48
N ASN E 169 10.75 9.99 -24.22
CA ASN E 169 11.35 9.45 -23.01
C ASN E 169 12.87 9.59 -23.00
N GLY E 170 13.49 9.90 -24.15
CA GLY E 170 14.91 9.81 -24.29
C GLY E 170 15.41 8.45 -24.71
N ASN E 171 14.51 7.51 -24.98
CA ASN E 171 14.88 6.15 -25.35
C ASN E 171 14.84 6.03 -26.87
N THR E 172 15.90 5.45 -27.43
CA THR E 172 15.96 5.15 -28.86
C THR E 172 15.72 3.66 -29.02
N TYR E 173 14.54 3.30 -29.53
CA TYR E 173 14.12 1.91 -29.64
C TYR E 173 14.76 1.30 -30.90
N LEU E 174 16.04 0.98 -30.78
CA LEU E 174 16.80 0.33 -31.85
C LEU E 174 17.46 -0.91 -31.27
N TYR E 175 17.14 -2.07 -31.82
CA TYR E 175 17.58 -3.36 -31.31
C TYR E 175 18.55 -4.01 -32.31
N TRP E 176 19.56 -4.68 -31.78
CA TRP E 176 20.55 -5.38 -32.59
C TRP E 176 20.52 -6.86 -32.27
N PHE E 177 20.58 -7.71 -33.30
CA PHE E 177 20.54 -9.15 -33.15
C PHE E 177 21.65 -9.78 -33.97
N LEU E 178 22.17 -10.90 -33.47
CA LEU E 178 23.17 -11.69 -34.16
C LEU E 178 22.57 -13.04 -34.50
N GLN E 179 22.73 -13.47 -35.75
CA GLN E 179 22.27 -14.78 -36.20
C GLN E 179 23.48 -15.55 -36.72
N ARG E 180 24.02 -16.43 -35.87
CA ARG E 180 25.09 -17.31 -36.32
C ARG E 180 24.53 -18.33 -37.31
N PRO E 181 25.36 -18.82 -38.23
CA PRO E 181 24.88 -19.80 -39.22
C PRO E 181 24.34 -21.05 -38.55
N GLY E 182 23.08 -21.37 -38.83
CA GLY E 182 22.44 -22.51 -38.23
C GLY E 182 21.98 -22.29 -36.80
N GLN E 183 21.96 -21.05 -36.33
CA GLN E 183 21.57 -20.75 -34.95
C GLN E 183 20.47 -19.70 -34.95
N SER E 184 19.67 -19.72 -33.88
CA SER E 184 18.62 -18.74 -33.73
C SER E 184 19.22 -17.36 -33.44
N PRO E 185 18.55 -16.29 -33.86
CA PRO E 185 19.05 -14.94 -33.54
C PRO E 185 19.07 -14.71 -32.03
N GLN E 186 20.04 -13.92 -31.59
CA GLN E 186 20.20 -13.61 -30.19
C GLN E 186 20.41 -12.11 -30.01
N LEU E 187 19.87 -11.56 -28.92
CA LEU E 187 19.94 -10.13 -28.69
C LEU E 187 21.36 -9.72 -28.29
N LEU E 188 21.81 -8.61 -28.86
CA LEU E 188 23.09 -8.00 -28.50
C LEU E 188 22.90 -6.69 -27.75
N ILE E 189 22.10 -5.78 -28.29
CA ILE E 189 21.83 -4.48 -27.68
C ILE E 189 20.34 -4.21 -27.80
N TYR E 190 19.66 -3.98 -26.67
CA TYR E 190 18.20 -3.80 -26.75
C TYR E 190 17.85 -2.37 -27.16
N ARG E 191 18.15 -1.39 -26.32
CA ARG E 191 18.00 0.00 -26.71
C ARG E 191 19.41 0.55 -26.89
N MET E 192 19.68 1.12 -28.07
CA MET E 192 21.04 1.35 -28.55
C MET E 192 21.96 1.83 -27.44
N SER E 193 23.15 1.22 -27.37
CA SER E 193 24.13 1.45 -26.31
C SER E 193 23.73 0.81 -24.99
N ASN E 194 23.03 -0.33 -25.06
CA ASN E 194 22.70 -1.11 -23.86
C ASN E 194 23.11 -2.56 -24.14
N LEU E 195 24.25 -2.97 -23.60
CA LEU E 195 24.74 -4.32 -23.83
C LEU E 195 23.86 -5.33 -23.11
N ALA E 196 23.45 -6.37 -23.84
CA ALA E 196 22.59 -7.39 -23.27
C ALA E 196 23.38 -8.31 -22.35
N SER E 197 22.66 -8.92 -21.41
CA SER E 197 23.28 -9.84 -20.46
C SER E 197 23.83 -11.07 -21.17
N GLY E 198 25.04 -11.45 -20.80
CA GLY E 198 25.72 -12.58 -21.43
C GLY E 198 26.45 -12.27 -22.71
N VAL E 199 26.48 -11.01 -23.13
CA VAL E 199 27.15 -10.59 -24.36
C VAL E 199 28.47 -9.93 -23.98
N PRO E 200 29.58 -10.28 -24.64
CA PRO E 200 30.87 -9.70 -24.27
C PRO E 200 30.92 -8.20 -24.52
N ASP E 201 31.86 -7.56 -23.82
CA ASP E 201 31.99 -6.10 -23.88
C ASP E 201 32.53 -5.60 -25.22
N ARG E 202 32.97 -6.49 -26.10
CA ARG E 202 33.49 -6.05 -27.40
C ARG E 202 32.42 -5.34 -28.21
N PHE E 203 31.19 -5.87 -28.19
CA PHE E 203 30.09 -5.25 -28.92
C PHE E 203 29.70 -3.93 -28.28
N SER E 204 29.39 -2.94 -29.12
CA SER E 204 28.97 -1.63 -28.65
C SER E 204 27.88 -1.11 -29.58
N GLY E 205 27.01 -0.28 -29.02
CA GLY E 205 25.92 0.32 -29.77
C GLY E 205 26.00 1.83 -29.70
N SER E 206 25.74 2.47 -30.85
CA SER E 206 25.76 3.93 -30.92
C SER E 206 24.85 4.38 -32.05
N GLY E 207 24.46 5.64 -32.00
CA GLY E 207 23.60 6.21 -33.02
C GLY E 207 22.82 7.37 -32.47
N SER E 208 22.04 7.98 -33.36
CA SER E 208 21.24 9.14 -32.99
C SER E 208 20.18 9.36 -34.06
N GLY E 209 18.94 9.56 -33.62
CA GLY E 209 17.86 9.85 -34.55
C GLY E 209 17.50 8.70 -35.44
N THR E 210 17.88 8.79 -36.72
CA THR E 210 17.56 7.77 -37.71
C THR E 210 18.77 6.99 -38.19
N ALA E 211 19.97 7.32 -37.74
CA ALA E 211 21.19 6.64 -38.15
C ALA E 211 21.83 5.97 -36.94
N PHE E 212 22.17 4.70 -37.07
CA PHE E 212 22.71 3.91 -35.97
C PHE E 212 23.88 3.08 -36.47
N THR E 213 24.76 2.72 -35.55
CA THR E 213 25.95 1.94 -35.88
C THR E 213 26.21 0.92 -34.78
N LEU E 214 26.67 -0.26 -35.19
CA LEU E 214 27.12 -1.31 -34.29
C LEU E 214 28.60 -1.55 -34.53
N THR E 215 29.38 -1.53 -33.46
CA THR E 215 30.84 -1.62 -33.55
C THR E 215 31.36 -2.79 -32.73
N ILE E 216 32.31 -3.52 -33.31
CA ILE E 216 33.02 -4.59 -32.62
C ILE E 216 34.49 -4.22 -32.61
N SER E 217 35.06 -4.11 -31.40
CA SER E 217 36.47 -3.73 -31.27
C SER E 217 37.39 -4.83 -31.78
N ARG E 218 37.32 -6.01 -31.18
CA ARG E 218 38.02 -7.18 -31.67
C ARG E 218 37.04 -8.34 -31.73
N LEU E 219 37.25 -9.24 -32.68
CA LEU E 219 36.29 -10.29 -32.95
C LEU E 219 37.00 -11.62 -33.13
N GLU E 220 36.26 -12.69 -32.89
CA GLU E 220 36.71 -14.05 -33.11
C GLU E 220 35.80 -14.71 -34.15
N ALA E 221 36.03 -16.01 -34.38
CA ALA E 221 35.19 -16.76 -35.30
C ALA E 221 33.78 -17.00 -34.76
N GLU E 222 33.56 -16.76 -33.48
CA GLU E 222 32.22 -16.96 -32.91
C GLU E 222 31.22 -15.95 -33.47
N ASP E 223 31.61 -14.68 -33.51
CA ASP E 223 30.68 -13.62 -33.94
C ASP E 223 30.67 -13.39 -35.45
N VAL E 224 30.59 -14.48 -36.19
CA VAL E 224 30.45 -14.46 -37.64
C VAL E 224 29.04 -14.88 -37.98
N GLY E 225 28.33 -14.03 -38.73
CA GLY E 225 26.96 -14.32 -39.09
C GLY E 225 26.26 -13.07 -39.59
N VAL E 226 24.95 -13.14 -39.61
CA VAL E 226 24.11 -12.05 -40.11
C VAL E 226 23.65 -11.21 -38.94
N TYR E 227 23.77 -9.89 -39.07
CA TYR E 227 23.38 -8.94 -38.04
C TYR E 227 22.14 -8.19 -38.50
N TYR E 228 21.12 -8.15 -37.63
CA TYR E 228 19.85 -7.52 -37.96
C TYR E 228 19.60 -6.35 -37.03
N CYS E 229 18.86 -5.36 -37.55
CA CYS E 229 18.46 -4.19 -36.78
C CYS E 229 16.94 -4.15 -36.74
N MET E 230 16.39 -3.90 -35.56
CA MET E 230 14.94 -3.88 -35.36
C MET E 230 14.56 -2.61 -34.63
N GLN E 231 13.39 -2.06 -34.97
CA GLN E 231 12.82 -0.92 -34.27
C GLN E 231 11.65 -1.39 -33.43
N HIS E 232 11.51 -0.79 -32.24
CA HIS E 232 10.40 -1.09 -31.35
C HIS E 232 9.60 0.15 -31.01
N LEU E 233 9.76 1.22 -31.79
CA LEU E 233 9.05 2.46 -31.50
C LEU E 233 7.55 2.30 -31.68
N GLU E 234 7.13 1.60 -32.73
CA GLU E 234 5.71 1.40 -33.00
C GLU E 234 5.53 0.14 -33.82
N TYR E 235 4.38 -0.48 -33.68
CA TYR E 235 4.05 -1.66 -34.46
C TYR E 235 3.70 -1.27 -35.89
N PRO E 236 3.90 -2.17 -36.86
CA PRO E 236 4.22 -3.60 -36.76
C PRO E 236 5.69 -3.99 -36.65
N LEU E 237 6.51 -3.30 -35.86
CA LEU E 237 7.84 -3.79 -35.45
C LEU E 237 8.67 -4.27 -36.63
N THR E 238 8.99 -3.34 -37.53
CA THR E 238 9.71 -3.69 -38.73
C THR E 238 11.17 -4.00 -38.43
N PHE E 239 11.73 -4.93 -39.21
CA PHE E 239 13.11 -5.35 -39.10
C PHE E 239 13.94 -4.64 -40.16
N GLY E 240 15.21 -5.01 -40.26
CA GLY E 240 16.07 -4.52 -41.32
C GLY E 240 16.68 -5.69 -42.08
N ALA E 241 17.14 -5.39 -43.29
CA ALA E 241 17.80 -6.40 -44.09
C ALA E 241 19.09 -6.85 -43.42
N GLY E 242 19.48 -8.09 -43.67
CA GLY E 242 20.64 -8.64 -43.00
C GLY E 242 21.93 -8.03 -43.50
N THR E 243 22.93 -8.02 -42.61
CA THR E 243 24.29 -7.59 -42.92
C THR E 243 25.21 -8.77 -42.61
N LYS E 244 25.47 -9.59 -43.61
CA LYS E 244 26.27 -10.79 -43.42
C LYS E 244 27.74 -10.44 -43.16
N LEU E 245 28.35 -11.15 -42.22
CA LEU E 245 29.78 -11.07 -41.98
C LEU E 245 30.39 -12.42 -42.34
N GLU E 246 31.35 -12.41 -43.26
CA GLU E 246 31.98 -13.63 -43.75
C GLU E 246 33.45 -13.65 -43.37
N LEU E 247 33.92 -14.81 -42.89
CA LEU E 247 35.31 -14.97 -42.50
C LEU E 247 36.20 -15.26 -43.71
#